data_1ZVB
# 
_entry.id   1ZVB 
# 
_audit_conform.dict_name       mmcif_pdbx.dic 
_audit_conform.dict_version    5.376 
_audit_conform.dict_location   http://mmcif.pdb.org/dictionaries/ascii/mmcif_pdbx.dic 
# 
loop_
_database_2.database_id 
_database_2.database_code 
_database_2.pdbx_database_accession 
_database_2.pdbx_DOI 
PDB   1ZVB         pdb_00001zvb 10.2210/pdb1zvb/pdb 
RCSB  RCSB033162   ?            ?                   
WWPDB D_1000033162 ?            ?                   
# 
loop_
_pdbx_database_related.db_name 
_pdbx_database_related.db_id 
_pdbx_database_related.details 
_pdbx_database_related.content_type 
PDB 1ZV7 'Structure of SARS Coronavirus spike protein' unspecified 
PDB 1ZV8 'Structure of SARS Coronavirus spike protein' unspecified 
PDB 1ZVA 'Structure of SARS Coronavirus spike protein' unspecified 
# 
_pdbx_database_status.status_code                     REL 
_pdbx_database_status.entry_id                        1ZVB 
_pdbx_database_status.recvd_initial_deposition_date   2005-06-01 
_pdbx_database_status.deposit_site                    RCSB 
_pdbx_database_status.process_site                    RCSB 
_pdbx_database_status.status_code_sf                  REL 
_pdbx_database_status.status_code_mr                  ? 
_pdbx_database_status.SG_entry                        ? 
_pdbx_database_status.pdb_format_compatible           Y 
_pdbx_database_status.status_code_cs                  ? 
_pdbx_database_status.status_code_nmr_data            ? 
_pdbx_database_status.methods_development_category    ? 
# 
loop_
_audit_author.name 
_audit_author.pdbx_ordinal 
'Deng, Y.'  1 
'Liu, J.'   2 
'Zheng, Q.' 3 
'Yong, W.'  4 
'Dai, J.'   5 
'Lu, M.'    6 
# 
_citation.id                        primary 
_citation.title                     
'Structures and Polymorphic Interactions of Two Heptad-Repeat Regions of the SARS Virus S2 Protein.' 
_citation.journal_abbrev            Structure 
_citation.journal_volume            14 
_citation.page_first                889 
_citation.page_last                 899 
_citation.year                      2006 
_citation.journal_id_ASTM           STRUE6 
_citation.country                   UK 
_citation.journal_id_ISSN           0969-2126 
_citation.journal_id_CSD            2005 
_citation.book_publisher            ? 
_citation.pdbx_database_id_PubMed   16698550 
_citation.pdbx_database_id_DOI      10.1016/j.str.2006.03.007 
# 
loop_
_citation_author.citation_id 
_citation_author.name 
_citation_author.ordinal 
_citation_author.identifier_ORCID 
primary 'Deng, Y.'  1 ? 
primary 'Liu, J.'   2 ? 
primary 'Zheng, Q.' 3 ? 
primary 'Yong, W.'  4 ? 
primary 'Lu, M.'    5 ? 
# 
_cell.entry_id           1ZVB 
_cell.length_a           58.908 
_cell.length_b           34.405 
_cell.length_c           51.718 
_cell.angle_alpha        90.00 
_cell.angle_beta         93.91 
_cell.angle_gamma        90.00 
_cell.Z_PDB              12 
_cell.pdbx_unique_axis   ? 
_cell.length_a_esd       ? 
_cell.length_b_esd       ? 
_cell.length_c_esd       ? 
_cell.angle_alpha_esd    ? 
_cell.angle_beta_esd     ? 
_cell.angle_gamma_esd    ? 
# 
_symmetry.entry_id                         1ZVB 
_symmetry.space_group_name_H-M             'C 1 2 1' 
_symmetry.pdbx_full_space_group_name_H-M   ? 
_symmetry.cell_setting                     ? 
_symmetry.Int_Tables_number                5 
_symmetry.space_group_name_Hall            ? 
# 
loop_
_entity.id 
_entity.type 
_entity.src_method 
_entity.pdbx_description 
_entity.formula_weight 
_entity.pdbx_number_of_molecules 
_entity.pdbx_ec 
_entity.pdbx_mutation 
_entity.pdbx_fragment 
_entity.details 
1 polymer man 'E2 glycoprotein' 3648.147 3  ? ? 'residues 940-973' ? 
2 water   nat water             18.015   99 ? ? ?                  ? 
# 
_entity_name_com.entity_id   1 
_entity_name_com.name        'Spike glycoprotein, Peplomer protein' 
# 
_entity_poly.entity_id                      1 
_entity_poly.type                           'polypeptide(L)' 
_entity_poly.nstd_linkage                   no 
_entity_poly.nstd_monomer                   no 
_entity_poly.pdbx_seq_one_letter_code       ALNTLVKQLSSNFGAISSVLNDILSRLDKVEAEV 
_entity_poly.pdbx_seq_one_letter_code_can   ALNTLVKQLSSNFGAISSVLNDILSRLDKVEAEV 
_entity_poly.pdbx_strand_id                 A,B,C 
_entity_poly.pdbx_target_identifier         ? 
# 
loop_
_entity_poly_seq.entity_id 
_entity_poly_seq.num 
_entity_poly_seq.mon_id 
_entity_poly_seq.hetero 
1 1  ALA n 
1 2  LEU n 
1 3  ASN n 
1 4  THR n 
1 5  LEU n 
1 6  VAL n 
1 7  LYS n 
1 8  GLN n 
1 9  LEU n 
1 10 SER n 
1 11 SER n 
1 12 ASN n 
1 13 PHE n 
1 14 GLY n 
1 15 ALA n 
1 16 ILE n 
1 17 SER n 
1 18 SER n 
1 19 VAL n 
1 20 LEU n 
1 21 ASN n 
1 22 ASP n 
1 23 ILE n 
1 24 LEU n 
1 25 SER n 
1 26 ARG n 
1 27 LEU n 
1 28 ASP n 
1 29 LYS n 
1 30 VAL n 
1 31 GLU n 
1 32 ALA n 
1 33 GLU n 
1 34 VAL n 
# 
_entity_src_gen.entity_id                          1 
_entity_src_gen.pdbx_src_id                        1 
_entity_src_gen.pdbx_alt_source_flag               sample 
_entity_src_gen.pdbx_seq_type                      ? 
_entity_src_gen.pdbx_beg_seq_num                   ? 
_entity_src_gen.pdbx_end_seq_num                   ? 
_entity_src_gen.gene_src_common_name               ? 
_entity_src_gen.gene_src_genus                     Coronavirus 
_entity_src_gen.pdbx_gene_src_gene                 S 
_entity_src_gen.gene_src_species                   ? 
_entity_src_gen.gene_src_strain                    SARS 
_entity_src_gen.gene_src_tissue                    ? 
_entity_src_gen.gene_src_tissue_fraction           ? 
_entity_src_gen.gene_src_details                   ? 
_entity_src_gen.pdbx_gene_src_fragment             ? 
_entity_src_gen.pdbx_gene_src_scientific_name      'SARS coronavirus' 
_entity_src_gen.pdbx_gene_src_ncbi_taxonomy_id     227859 
_entity_src_gen.pdbx_gene_src_variant              ? 
_entity_src_gen.pdbx_gene_src_cell_line            ? 
_entity_src_gen.pdbx_gene_src_atcc                 ? 
_entity_src_gen.pdbx_gene_src_organ                ? 
_entity_src_gen.pdbx_gene_src_organelle            ? 
_entity_src_gen.pdbx_gene_src_cell                 ? 
_entity_src_gen.pdbx_gene_src_cellular_location    ? 
_entity_src_gen.host_org_common_name               ? 
_entity_src_gen.pdbx_host_org_scientific_name      'Escherichia coli' 
_entity_src_gen.pdbx_host_org_ncbi_taxonomy_id     562 
_entity_src_gen.host_org_genus                     Escherichia 
_entity_src_gen.pdbx_host_org_gene                 ? 
_entity_src_gen.pdbx_host_org_organ                ? 
_entity_src_gen.host_org_species                   ? 
_entity_src_gen.pdbx_host_org_tissue               ? 
_entity_src_gen.pdbx_host_org_tissue_fraction      ? 
_entity_src_gen.pdbx_host_org_strain               BL21/pLysis 
_entity_src_gen.pdbx_host_org_variant              ? 
_entity_src_gen.pdbx_host_org_cell_line            ? 
_entity_src_gen.pdbx_host_org_atcc                 ? 
_entity_src_gen.pdbx_host_org_culture_collection   ? 
_entity_src_gen.pdbx_host_org_cell                 ? 
_entity_src_gen.pdbx_host_org_organelle            ? 
_entity_src_gen.pdbx_host_org_cellular_location    ? 
_entity_src_gen.pdbx_host_org_vector_type          PLASMID 
_entity_src_gen.pdbx_host_org_vector               ? 
_entity_src_gen.host_org_details                   ? 
_entity_src_gen.expression_system_id               ? 
_entity_src_gen.plasmid_name                       pN34 
_entity_src_gen.plasmid_details                    ? 
_entity_src_gen.pdbx_description                   ? 
# 
_struct_ref.id                         1 
_struct_ref.db_name                    UNP 
_struct_ref.db_code                    SPIKE_CVHSA 
_struct_ref.pdbx_db_accession          P59594 
_struct_ref.entity_id                  1 
_struct_ref.pdbx_seq_one_letter_code   ALNTLVKQLSSNFGAISSVLNDILSRLDKVEAEV 
_struct_ref.pdbx_align_begin           940 
_struct_ref.pdbx_db_isoform            ? 
# 
loop_
_struct_ref_seq.align_id 
_struct_ref_seq.ref_id 
_struct_ref_seq.pdbx_PDB_id_code 
_struct_ref_seq.pdbx_strand_id 
_struct_ref_seq.seq_align_beg 
_struct_ref_seq.pdbx_seq_align_beg_ins_code 
_struct_ref_seq.seq_align_end 
_struct_ref_seq.pdbx_seq_align_end_ins_code 
_struct_ref_seq.pdbx_db_accession 
_struct_ref_seq.db_align_beg 
_struct_ref_seq.pdbx_db_align_beg_ins_code 
_struct_ref_seq.db_align_end 
_struct_ref_seq.pdbx_db_align_end_ins_code 
_struct_ref_seq.pdbx_auth_seq_align_beg 
_struct_ref_seq.pdbx_auth_seq_align_end 
1 1 1ZVB A 1 ? 34 ? P59594 940 ? 973 ? 1 34 
2 1 1ZVB B 1 ? 34 ? P59594 940 ? 973 ? 1 34 
3 1 1ZVB C 1 ? 34 ? P59594 940 ? 973 ? 1 34 
# 
loop_
_chem_comp.id 
_chem_comp.type 
_chem_comp.mon_nstd_flag 
_chem_comp.name 
_chem_comp.pdbx_synonyms 
_chem_comp.formula 
_chem_comp.formula_weight 
ALA 'L-peptide linking' y ALANINE         ? 'C3 H7 N O2'     89.093  
ARG 'L-peptide linking' y ARGININE        ? 'C6 H15 N4 O2 1' 175.209 
ASN 'L-peptide linking' y ASPARAGINE      ? 'C4 H8 N2 O3'    132.118 
ASP 'L-peptide linking' y 'ASPARTIC ACID' ? 'C4 H7 N O4'     133.103 
GLN 'L-peptide linking' y GLUTAMINE       ? 'C5 H10 N2 O3'   146.144 
GLU 'L-peptide linking' y 'GLUTAMIC ACID' ? 'C5 H9 N O4'     147.129 
GLY 'peptide linking'   y GLYCINE         ? 'C2 H5 N O2'     75.067  
HOH non-polymer         . WATER           ? 'H2 O'           18.015  
ILE 'L-peptide linking' y ISOLEUCINE      ? 'C6 H13 N O2'    131.173 
LEU 'L-peptide linking' y LEUCINE         ? 'C6 H13 N O2'    131.173 
LYS 'L-peptide linking' y LYSINE          ? 'C6 H15 N2 O2 1' 147.195 
PHE 'L-peptide linking' y PHENYLALANINE   ? 'C9 H11 N O2'    165.189 
SER 'L-peptide linking' y SERINE          ? 'C3 H7 N O3'     105.093 
THR 'L-peptide linking' y THREONINE       ? 'C4 H9 N O3'     119.119 
VAL 'L-peptide linking' y VALINE          ? 'C5 H11 N O2'    117.146 
# 
_exptl.entry_id          1ZVB 
_exptl.method            'X-RAY DIFFRACTION' 
_exptl.crystals_number   1 
# 
_exptl_crystal.id                    1 
_exptl_crystal.density_meas          ? 
_exptl_crystal.density_Matthews      2.30 
_exptl_crystal.density_percent_sol   45.90 
_exptl_crystal.description           ? 
_exptl_crystal.F_000                 ? 
_exptl_crystal.preparation           ? 
# 
_exptl_crystal_grow.crystal_id      1 
_exptl_crystal_grow.method          'VAPOR DIFFUSION, HANGING DROP' 
_exptl_crystal_grow.temp            298 
_exptl_crystal_grow.temp_details    ? 
_exptl_crystal_grow.pH              5.00 
_exptl_crystal_grow.pdbx_details    
'PEG 4000, isopropanol, sodium citrate, pH 5.00, VAPOR DIFFUSION, HANGING DROP, temperature 298K' 
_exptl_crystal_grow.pdbx_pH_range   . 
# 
_diffrn.id                     1 
_diffrn.ambient_temp           100.0 
_diffrn.ambient_temp_details   ? 
_diffrn.crystal_id             1 
# 
_diffrn_detector.diffrn_id              1 
_diffrn_detector.detector               CCD 
_diffrn_detector.type                   'ADSC QUANTUM 4' 
_diffrn_detector.pdbx_collection_date   2004-09-13 
_diffrn_detector.details                ? 
# 
_diffrn_radiation.diffrn_id                        1 
_diffrn_radiation.wavelength_id                    1 
_diffrn_radiation.pdbx_monochromatic_or_laue_m_l   M 
_diffrn_radiation.monochromator                    GRAPHITE 
_diffrn_radiation.pdbx_diffrn_protocol             'SINGLE WAVELENGTH' 
_diffrn_radiation.pdbx_scattering_type             x-ray 
# 
_diffrn_radiation_wavelength.id           1 
_diffrn_radiation_wavelength.wavelength   0.9788 
_diffrn_radiation_wavelength.wt           1.0 
# 
_diffrn_source.diffrn_id                   1 
_diffrn_source.source                      SYNCHROTRON 
_diffrn_source.type                        'NSLS BEAMLINE X4A' 
_diffrn_source.pdbx_synchrotron_site       NSLS 
_diffrn_source.pdbx_synchrotron_beamline   X4A 
_diffrn_source.pdbx_wavelength             0.9788 
_diffrn_source.pdbx_wavelength_list        ? 
# 
_reflns.entry_id                     1ZVB 
_reflns.observed_criterion_sigma_I   0.000 
_reflns.observed_criterion_sigma_F   ? 
_reflns.d_resolution_low             51.600 
_reflns.d_resolution_high            1.700 
_reflns.number_obs                   11231 
_reflns.number_all                   ? 
_reflns.percent_possible_obs         96.9 
_reflns.pdbx_Rmerge_I_obs            0.036 
_reflns.pdbx_Rsym_value              ? 
_reflns.pdbx_netI_over_sigmaI        21.1000 
_reflns.B_iso_Wilson_estimate        24.00 
_reflns.pdbx_redundancy              2.900 
_reflns.R_free_details               ? 
_reflns.limit_h_max                  ? 
_reflns.limit_h_min                  ? 
_reflns.limit_k_max                  ? 
_reflns.limit_k_min                  ? 
_reflns.limit_l_max                  ? 
_reflns.limit_l_min                  ? 
_reflns.observed_criterion_F_max     ? 
_reflns.observed_criterion_F_min     ? 
_reflns.pdbx_chi_squared             ? 
_reflns.pdbx_scaling_rejects         ? 
_reflns.pdbx_ordinal                 1 
_reflns.pdbx_diffrn_id               1 
# 
_reflns_shell.d_res_high             1.70 
_reflns_shell.d_res_low              1.76 
_reflns_shell.percent_possible_all   94.7 
_reflns_shell.Rmerge_I_obs           0.21 
_reflns_shell.pdbx_Rsym_value        ? 
_reflns_shell.meanI_over_sigI_obs    5.100 
_reflns_shell.pdbx_redundancy        2.60 
_reflns_shell.percent_possible_obs   ? 
_reflns_shell.number_unique_all      ? 
_reflns_shell.number_measured_all    ? 
_reflns_shell.number_measured_obs    ? 
_reflns_shell.number_unique_obs      ? 
_reflns_shell.pdbx_chi_squared       ? 
_reflns_shell.pdbx_ordinal           1 
_reflns_shell.pdbx_diffrn_id         1 
# 
_refine.entry_id                                 1ZVB 
_refine.ls_number_reflns_obs                     11230 
_refine.ls_number_reflns_all                     11230 
_refine.pdbx_ls_sigma_I                          ? 
_refine.pdbx_ls_sigma_F                          0.000 
_refine.pdbx_data_cutoff_high_absF               ? 
_refine.pdbx_data_cutoff_low_absF                ? 
_refine.pdbx_data_cutoff_high_rms_absF           ? 
_refine.ls_d_res_low                             51.60 
_refine.ls_d_res_high                            1.70 
_refine.ls_percent_reflns_obs                    96.8 
_refine.ls_R_factor_obs                          0.196 
_refine.ls_R_factor_all                          ? 
_refine.ls_R_factor_R_work                       0.194 
_refine.ls_R_factor_R_free                       0.239 
_refine.ls_R_factor_R_free_error                 ? 
_refine.ls_R_factor_R_free_error_details         ? 
_refine.ls_percent_reflns_R_free                 4.800 
_refine.ls_number_reflns_R_free                  535 
_refine.ls_number_parameters                     ? 
_refine.ls_number_restraints                     ? 
_refine.occupancy_min                            ? 
_refine.occupancy_max                            ? 
_refine.correlation_coeff_Fo_to_Fc               0.940 
_refine.correlation_coeff_Fo_to_Fc_free          0.920 
_refine.B_iso_mean                               18.43 
_refine.aniso_B[1][1]                            1.09000 
_refine.aniso_B[2][2]                            -0.42000 
_refine.aniso_B[3][3]                            -0.61000 
_refine.aniso_B[1][2]                            0.00000 
_refine.aniso_B[1][3]                            0.50000 
_refine.aniso_B[2][3]                            0.00000 
_refine.solvent_model_details                    MASK 
_refine.solvent_model_param_ksol                 ? 
_refine.solvent_model_param_bsol                 ? 
_refine.pdbx_solvent_vdw_probe_radii             1.20 
_refine.pdbx_solvent_ion_probe_radii             0.80 
_refine.pdbx_solvent_shrinkage_radii             0.80 
_refine.pdbx_ls_cross_valid_method               THROUGHOUT 
_refine.details                                  'HYDROGENS HAVE BEEN ADDED IN THE RIDING POSITIONS' 
_refine.pdbx_starting_model                      'PDB ENTRY 1ZV8' 
_refine.pdbx_method_to_determine_struct          'MOLECULAR REPLACEMENT' 
_refine.pdbx_isotropic_thermal_model             Isotropic 
_refine.pdbx_stereochemistry_target_values       'MAXIMUM LIKELIHOOD' 
_refine.pdbx_stereochem_target_val_spec_case     ? 
_refine.pdbx_R_Free_selection_details            RANDOM 
_refine.pdbx_overall_ESU_R                       0.117 
_refine.pdbx_overall_ESU_R_Free                  0.119 
_refine.overall_SU_ML                            0.069 
_refine.overall_SU_B                             2.009 
_refine.ls_redundancy_reflns_obs                 ? 
_refine.B_iso_min                                ? 
_refine.B_iso_max                                ? 
_refine.overall_SU_R_Cruickshank_DPI             ? 
_refine.overall_SU_R_free                        ? 
_refine.ls_wR_factor_R_free                      ? 
_refine.ls_wR_factor_R_work                      ? 
_refine.overall_FOM_free_R_set                   ? 
_refine.overall_FOM_work_R_set                   ? 
_refine.pdbx_overall_phase_error                 ? 
_refine.pdbx_refine_id                           'X-RAY DIFFRACTION' 
_refine.pdbx_TLS_residual_ADP_flag               'LIKELY RESIDUAL' 
_refine.pdbx_diffrn_id                           1 
_refine.pdbx_overall_SU_R_free_Cruickshank_DPI   ? 
_refine.pdbx_overall_SU_R_Blow_DPI               ? 
_refine.pdbx_overall_SU_R_free_Blow_DPI          ? 
# 
_refine_hist.pdbx_refine_id                   'X-RAY DIFFRACTION' 
_refine_hist.cycle_id                         LAST 
_refine_hist.pdbx_number_atoms_protein        763 
_refine_hist.pdbx_number_atoms_nucleic_acid   0 
_refine_hist.pdbx_number_atoms_ligand         0 
_refine_hist.number_atoms_solvent             99 
_refine_hist.number_atoms_total               862 
_refine_hist.d_res_high                       1.70 
_refine_hist.d_res_low                        51.60 
# 
loop_
_refine_ls_restr.type 
_refine_ls_restr.dev_ideal 
_refine_ls_restr.dev_ideal_target 
_refine_ls_restr.weight 
_refine_ls_restr.number 
_refine_ls_restr.pdbx_refine_id 
_refine_ls_restr.pdbx_restraint_function 
r_bond_refined_d             0.014  0.022  ? 763  'X-RAY DIFFRACTION' ? 
r_bond_other_d               ?      ?      ? ?    'X-RAY DIFFRACTION' ? 
r_angle_refined_deg          1.312  1.997  ? 1028 'X-RAY DIFFRACTION' ? 
r_angle_other_deg            ?      ?      ? ?    'X-RAY DIFFRACTION' ? 
r_dihedral_angle_1_deg       2.755  5.000  ? 98   'X-RAY DIFFRACTION' ? 
r_dihedral_angle_2_deg       29.225 27.000 ? 30   'X-RAY DIFFRACTION' ? 
r_dihedral_angle_3_deg       ?      ?      ? ?    'X-RAY DIFFRACTION' ? 
r_dihedral_angle_4_deg       13.975 15.000 ? 3    'X-RAY DIFFRACTION' ? 
r_chiral_restr               0.085  0.200  ? 137  'X-RAY DIFFRACTION' ? 
r_gen_planes_refined         0.006  0.020  ? 536  'X-RAY DIFFRACTION' ? 
r_gen_planes_other           ?      ?      ? ?    'X-RAY DIFFRACTION' ? 
r_nbd_refined                0.205  0.200  ? 355  'X-RAY DIFFRACTION' ? 
r_nbd_other                  ?      ?      ? ?    'X-RAY DIFFRACTION' ? 
r_nbtor_refined              0.298  0.200  ? 553  'X-RAY DIFFRACTION' ? 
r_nbtor_other                ?      ?      ? ?    'X-RAY DIFFRACTION' ? 
r_xyhbond_nbd_refined        0.156  0.200  ? 53   'X-RAY DIFFRACTION' ? 
r_xyhbond_nbd_other          ?      ?      ? ?    'X-RAY DIFFRACTION' ? 
r_metal_ion_refined          ?      ?      ? ?    'X-RAY DIFFRACTION' ? 
r_metal_ion_other            ?      ?      ? ?    'X-RAY DIFFRACTION' ? 
r_symmetry_vdw_refined       0.158  0.200  ? 22   'X-RAY DIFFRACTION' ? 
r_symmetry_vdw_other         ?      ?      ? ?    'X-RAY DIFFRACTION' ? 
r_symmetry_hbond_refined     0.208  0.200  ? 11   'X-RAY DIFFRACTION' ? 
r_symmetry_hbond_other       ?      ?      ? ?    'X-RAY DIFFRACTION' ? 
r_symmetry_metal_ion_refined ?      ?      ? ?    'X-RAY DIFFRACTION' ? 
r_symmetry_metal_ion_other   ?      ?      ? ?    'X-RAY DIFFRACTION' ? 
r_mcbond_it                  0.773  1.500  ? 502  'X-RAY DIFFRACTION' ? 
r_mcbond_other               ?      ?      ? ?    'X-RAY DIFFRACTION' ? 
r_mcangle_it                 1.562  2.000  ? 806  'X-RAY DIFFRACTION' ? 
r_scbond_it                  2.731  3.000  ? 261  'X-RAY DIFFRACTION' ? 
r_scangle_it                 4.221  4.500  ? 222  'X-RAY DIFFRACTION' ? 
r_rigid_bond_restr           ?      ?      ? ?    'X-RAY DIFFRACTION' ? 
r_sphericity_free            ?      ?      ? ?    'X-RAY DIFFRACTION' ? 
r_sphericity_bonded          ?      ?      ? ?    'X-RAY DIFFRACTION' ? 
# 
_refine_ls_shell.pdbx_total_number_of_bins_used   20 
_refine_ls_shell.d_res_high                       1.70 
_refine_ls_shell.d_res_low                        1.74 
_refine_ls_shell.number_reflns_R_work             727 
_refine_ls_shell.R_factor_R_work                  0.189 
_refine_ls_shell.percent_reflns_obs               93.30 
_refine_ls_shell.R_factor_R_free                  0.279 
_refine_ls_shell.R_factor_R_free_error            ? 
_refine_ls_shell.percent_reflns_R_free            ? 
_refine_ls_shell.number_reflns_R_free             36 
_refine_ls_shell.number_reflns_all                ? 
_refine_ls_shell.R_factor_all                     ? 
_refine_ls_shell.redundancy_reflns_obs            ? 
_refine_ls_shell.number_reflns_obs                ? 
_refine_ls_shell.pdbx_refine_id                   'X-RAY DIFFRACTION' 
# 
_struct.entry_id                  1ZVB 
_struct.title                     'A structure-based mechanism of SARS virus membrane fusion' 
_struct.pdbx_model_details        ? 
_struct.pdbx_CASP_flag            ? 
_struct.pdbx_model_type_details   ? 
# 
_struct_keywords.entry_id        1ZVB 
_struct_keywords.pdbx_keywords   'VIRAL PROTEIN' 
_struct_keywords.text            
'SARS coronavirus, membrane fusion, S2, virus entry, coiled coils, conformational change, VIRAL PROTEIN' 
# 
loop_
_struct_asym.id 
_struct_asym.pdbx_blank_PDB_chainid_flag 
_struct_asym.pdbx_modified 
_struct_asym.entity_id 
_struct_asym.details 
A N N 1 ? 
B N N 1 ? 
C N N 1 ? 
D N N 2 ? 
E N N 2 ? 
F N N 2 ? 
# 
_struct_biol.id                    1 
_struct_biol.details               'The biological assembly is a trimer' 
_struct_biol.pdbx_parent_biol_id   ? 
# 
loop_
_struct_conf.conf_type_id 
_struct_conf.id 
_struct_conf.pdbx_PDB_helix_id 
_struct_conf.beg_label_comp_id 
_struct_conf.beg_label_asym_id 
_struct_conf.beg_label_seq_id 
_struct_conf.pdbx_beg_PDB_ins_code 
_struct_conf.end_label_comp_id 
_struct_conf.end_label_asym_id 
_struct_conf.end_label_seq_id 
_struct_conf.pdbx_end_PDB_ins_code 
_struct_conf.beg_auth_comp_id 
_struct_conf.beg_auth_asym_id 
_struct_conf.beg_auth_seq_id 
_struct_conf.end_auth_comp_id 
_struct_conf.end_auth_asym_id 
_struct_conf.end_auth_seq_id 
_struct_conf.pdbx_PDB_helix_class 
_struct_conf.details 
_struct_conf.pdbx_PDB_helix_length 
HELX_P HELX_P1 1 ALA A 1 ? ALA A 32 ? ALA A 1 ALA A 32 1 ? 32 
HELX_P HELX_P2 2 LEU B 2 ? VAL B 34 ? LEU B 2 VAL B 34 1 ? 33 
HELX_P HELX_P3 3 ALA C 1 ? ALA C 32 ? ALA C 1 ALA C 32 1 ? 32 
# 
_struct_conf_type.id          HELX_P 
_struct_conf_type.criteria    ? 
_struct_conf_type.reference   ? 
# 
_atom_sites.entry_id                    1ZVB 
_atom_sites.fract_transf_matrix[1][1]   -0.00282022 
_atom_sites.fract_transf_matrix[1][2]   -0.00654020 
_atom_sites.fract_transf_matrix[1][3]   -0.01545323 
_atom_sites.fract_transf_matrix[2][1]   0.02863131 
_atom_sites.fract_transf_matrix[2][2]   -0.00315324 
_atom_sites.fract_transf_matrix[2][3]   -0.00389070 
_atom_sites.fract_transf_matrix[3][1]   -0.00112921 
_atom_sites.fract_transf_matrix[3][2]   -0.01823471 
_atom_sites.fract_transf_matrix[3][3]   0.00646864 
_atom_sites.fract_transf_vector[1]      0.168765 
_atom_sites.fract_transf_vector[2]      0.114778 
_atom_sites.fract_transf_vector[3]      0.506035 
# 
loop_
_atom_type.symbol 
C 
N 
O 
# 
loop_
_atom_site.group_PDB 
_atom_site.id 
_atom_site.type_symbol 
_atom_site.label_atom_id 
_atom_site.label_alt_id 
_atom_site.label_comp_id 
_atom_site.label_asym_id 
_atom_site.label_entity_id 
_atom_site.label_seq_id 
_atom_site.pdbx_PDB_ins_code 
_atom_site.Cartn_x 
_atom_site.Cartn_y 
_atom_site.Cartn_z 
_atom_site.occupancy 
_atom_site.B_iso_or_equiv 
_atom_site.pdbx_formal_charge 
_atom_site.auth_seq_id 
_atom_site.auth_comp_id 
_atom_site.auth_asym_id 
_atom_site.auth_atom_id 
_atom_site.pdbx_PDB_model_num 
ATOM   1   N N   . ALA A 1 1  ? 7.576   19.857  -13.539 1.00 18.59 ? 1  ALA A N   1 
ATOM   2   C CA  . ALA A 1 1  ? 6.335   20.626  -13.774 1.00 17.12 ? 1  ALA A CA  1 
ATOM   3   C C   . ALA A 1 1  ? 5.127   19.910  -13.182 1.00 16.90 ? 1  ALA A C   1 
ATOM   4   O O   . ALA A 1 1  ? 5.169   18.700  -12.872 1.00 16.66 ? 1  ALA A O   1 
ATOM   5   C CB  . ALA A 1 1  ? 6.158   20.891  -15.264 1.00 18.04 ? 1  ALA A CB  1 
ATOM   6   N N   . LEU A 1 2  ? 4.056   20.671  -13.003 1.00 15.22 ? 2  LEU A N   1 
ATOM   7   C CA  . LEU A 1 2  ? 2.860   20.189  -12.325 1.00 13.96 ? 2  LEU A CA  1 
ATOM   8   C C   . LEU A 1 2  ? 2.224   19.035  -13.065 1.00 14.01 ? 2  LEU A C   1 
ATOM   9   O O   . LEU A 1 2  ? 1.911   18.003  -12.483 1.00 13.15 ? 2  LEU A O   1 
ATOM   10  C CB  . LEU A 1 2  ? 1.869   21.366  -12.157 1.00 13.71 ? 2  LEU A CB  1 
ATOM   11  C CG  . LEU A 1 2  ? 0.547   20.980  -11.488 1.00 12.99 ? 2  LEU A CG  1 
ATOM   12  C CD1 . LEU A 1 2  ? 0.715   20.566  -10.037 1.00 16.39 ? 2  LEU A CD1 1 
ATOM   13  C CD2 . LEU A 1 2  ? -0.418  22.195  -11.592 1.00 13.51 ? 2  LEU A CD2 1 
ATOM   14  N N   . ASN A 1 3  ? 2.060   19.181  -14.372 1.00 14.11 ? 3  ASN A N   1 
ATOM   15  C CA  . ASN A 1 3  ? 1.421   18.106  -15.146 1.00 14.32 ? 3  ASN A CA  1 
ATOM   16  C C   . ASN A 1 3  ? 2.218   16.801  -15.033 1.00 13.98 ? 3  ASN A C   1 
ATOM   17  O O   . ASN A 1 3  ? 1.636   15.721  -14.863 1.00 13.53 ? 3  ASN A O   1 
ATOM   18  C CB  . ASN A 1 3  ? 1.260   18.538  -16.599 1.00 15.98 ? 3  ASN A CB  1 
ATOM   19  C CG  . ASN A 1 3  ? 1.264   17.374  -17.561 1.00 21.14 ? 3  ASN A CG  1 
ATOM   20  O OD1 . ASN A 1 3  ? 2.271   17.125  -18.243 1.00 27.04 ? 3  ASN A OD1 1 
ATOM   21  N ND2 . ASN A 1 3  ? 0.140   16.647  -17.630 1.00 23.82 ? 3  ASN A ND2 1 
ATOM   22  N N   . THR A 1 4  ? 3.541   16.913  -15.073 1.00 13.29 ? 4  THR A N   1 
ATOM   23  C CA  . THR A 1 4  ? 4.423   15.730  -14.888 1.00 13.94 ? 4  THR A CA  1 
ATOM   24  C C   . THR A 1 4  ? 4.201   15.074  -13.537 1.00 13.77 ? 4  THR A C   1 
ATOM   25  O O   . THR A 1 4  ? 4.055   13.843  -13.464 1.00 12.80 ? 4  THR A O   1 
ATOM   26  C CB  . THR A 1 4  ? 5.873   16.152  -15.014 1.00 13.99 ? 4  THR A CB  1 
ATOM   27  O OG1 . THR A 1 4  ? 6.067   16.712  -16.313 1.00 13.66 ? 4  THR A OG1 1 
ATOM   28  C CG2 . THR A 1 4  ? 6.816   14.923  -14.975 1.00 17.15 ? 4  THR A CG2 1 
ATOM   29  N N   . LEU A 1 5  ? 4.123   15.892  -12.484 1.00 13.04 ? 5  LEU A N   1 
ATOM   30  C CA  . LEU A 1 5  ? 3.902   15.394  -11.126 1.00 13.67 ? 5  LEU A CA  1 
ATOM   31  C C   . LEU A 1 5  ? 2.590   14.599  -11.064 1.00 13.33 ? 5  LEU A C   1 
ATOM   32  O O   . LEU A 1 5  ? 2.525   13.487  -10.507 1.00 13.90 ? 5  LEU A O   1 
ATOM   33  C CB  . LEU A 1 5  ? 3.921   16.552  -10.084 1.00 12.57 ? 5  LEU A CB  1 
ATOM   34  C CG  . LEU A 1 5  ? 3.564   16.138  -8.633  1.00 13.49 ? 5  LEU A CG  1 
ATOM   35  C CD1 . LEU A 1 5  ? 4.518   15.060  -8.103  1.00 17.52 ? 5  LEU A CD1 1 
ATOM   36  C CD2 . LEU A 1 5  ? 3.520   17.368  -7.719  1.00 12.67 ? 5  LEU A CD2 1 
ATOM   37  N N   . VAL A 1 6  ? 1.534   15.170  -11.634 1.00 13.77 ? 6  VAL A N   1 
ATOM   38  C CA  . VAL A 1 6  ? 0.237   14.537  -11.603 1.00 14.38 ? 6  VAL A CA  1 
ATOM   39  C C   . VAL A 1 6  ? 0.289   13.178  -12.314 1.00 14.25 ? 6  VAL A C   1 
ATOM   40  O O   . VAL A 1 6  ? -0.270  12.193  -11.795 1.00 14.73 ? 6  VAL A O   1 
ATOM   41  C CB  . VAL A 1 6  ? -0.882  15.476  -12.130 1.00 14.52 ? 6  VAL A CB  1 
ATOM   42  C CG1 . VAL A 1 6  ? -2.201  14.710  -12.301 1.00 16.13 ? 6  VAL A CG1 1 
ATOM   43  C CG2 . VAL A 1 6  ? -1.073  16.588  -11.169 1.00 15.88 ? 6  VAL A CG2 1 
ATOM   44  N N   . LYS A 1 7  ? 1.006   13.111  -13.435 1.00 13.35 ? 7  LYS A N   1 
ATOM   45  C CA  . LYS A 1 7  ? 1.144   11.848  -14.158 1.00 14.22 ? 7  LYS A CA  1 
ATOM   46  C C   . LYS A 1 7  ? 1.922   10.818  -13.353 1.00 13.74 ? 7  LYS A C   1 
ATOM   47  O O   . LYS A 1 7  ? 1.531   9.632   -13.329 1.00 15.10 ? 7  LYS A O   1 
ATOM   48  C CB  . LYS A 1 7  ? 1.777   12.079  -15.521 1.00 15.09 ? 7  LYS A CB  1 
ATOM   49  C CG  . LYS A 1 7  ? 0.813   12.756  -16.478 1.00 19.35 ? 7  LYS A CG  1 
ATOM   50  C CD  . LYS A 1 7  ? 1.526   13.160  -17.758 1.00 23.50 ? 7  LYS A CD  1 
ATOM   51  C CE  . LYS A 1 7  ? 0.557   13.780  -18.743 1.00 26.07 ? 7  LYS A CE  1 
ATOM   52  N NZ  . LYS A 1 7  ? 1.215   14.042  -20.043 1.00 30.15 ? 7  LYS A NZ  1 
ATOM   53  N N   . GLN A 1 8  ? 2.963   11.280  -12.651 1.00 14.09 ? 8  GLN A N   1 
ATOM   54  C CA  . GLN A 1 8  ? 3.786   10.413  -11.800 1.00 14.02 ? 8  GLN A CA  1 
ATOM   55  C C   . GLN A 1 8  ? 2.909   9.883   -10.686 1.00 14.45 ? 8  GLN A C   1 
ATOM   56  O O   . GLN A 1 8  ? 2.984   8.685   -10.320 1.00 14.02 ? 8  GLN A O   1 
ATOM   57  C CB  . GLN A 1 8  ? 4.951   11.212  -11.193 1.00 14.23 ? 8  GLN A CB  1 
ATOM   58  C CG  . GLN A 1 8  ? 6.066   11.500  -12.200 1.00 13.82 ? 8  GLN A CG  1 
ATOM   59  C CD  . GLN A 1 8  ? 7.118   12.482  -11.705 1.00 14.71 ? 8  GLN A CD  1 
ATOM   60  O OE1 . GLN A 1 8  ? 6.885   13.244  -10.751 1.00 18.27 ? 8  GLN A OE1 1 
ATOM   61  N NE2 . GLN A 1 8  ? 8.235   12.491  -12.355 1.00 12.54 ? 8  GLN A NE2 1 
ATOM   62  N N   . LEU A 1 9  ? 2.097   10.770  -10.124 1.00 14.21 ? 9  LEU A N   1 
ATOM   63  C CA  . LEU A 1 9  ? 1.233   10.342  -8.995  1.00 13.94 ? 9  LEU A CA  1 
ATOM   64  C C   . LEU A 1 9  ? 0.244   9.278   -9.455  1.00 14.97 ? 9  LEU A C   1 
ATOM   65  O O   . LEU A 1 9  ? 0.061   8.270   -8.757  1.00 15.06 ? 9  LEU A O   1 
ATOM   66  C CB  . LEU A 1 9  ? 0.483   11.518  -8.387  1.00 14.43 ? 9  LEU A CB  1 
ATOM   67  C CG  . LEU A 1 9  ? 1.402   12.468  -7.594  1.00 15.07 ? 9  LEU A CG  1 
ATOM   68  C CD1 . LEU A 1 9  ? 0.741   13.814  -7.363  1.00 12.76 ? 9  LEU A CD1 1 
ATOM   69  C CD2 . LEU A 1 9  ? 1.856   11.832  -6.278  1.00 16.96 ? 9  LEU A CD2 1 
ATOM   70  N N   . SER A 1 10 ? -0.391  9.490   -10.612 1.00 15.10 ? 10 SER A N   1 
ATOM   71  C CA  . SER A 1 10 ? -1.330  8.473   -11.125 1.00 15.67 ? 10 SER A CA  1 
ATOM   72  C C   . SER A 1 10 ? -0.659  7.116   -11.326 1.00 15.44 ? 10 SER A C   1 
ATOM   73  O O   . SER A 1 10 ? -1.260  6.037   -11.036 1.00 14.50 ? 10 SER A O   1 
ATOM   74  C CB  . SER A 1 10 ? -1.944  8.908   -12.456 1.00 16.30 ? 10 SER A CB  1 
ATOM   75  O OG  . SER A 1 10 ? -2.552  10.180  -12.351 1.00 23.59 ? 10 SER A OG  1 
ATOM   76  N N   . SER A 1 11 ? 0.580   7.133   -11.818 1.00 14.00 ? 11 SER A N   1 
ATOM   77  C CA  . SER A 1 11 ? 1.308   5.876   -12.063 1.00 14.50 ? 11 SER A CA  1 
ATOM   78  C C   . SER A 1 11 ? 1.606   5.184   -10.719 1.00 14.89 ? 11 SER A C   1 
ATOM   79  O O   . SER A 1 11 ? 1.431   3.942   -10.575 1.00 15.45 ? 11 SER A O   1 
ATOM   80  C CB  . SER A 1 11 ? 2.594   6.142   -12.872 1.00 15.59 ? 11 SER A CB  1 
ATOM   81  O OG  . SER A 1 11 ? 3.378   4.952   -12.936 1.00 20.37 ? 11 SER A OG  1 
ATOM   82  N N   . ASN A 1 12 ? 2.038   5.975   -9.750  1.00 15.51 ? 12 ASN A N   1 
ATOM   83  C CA  . ASN A 1 12 ? 2.333   5.443   -8.409  1.00 15.43 ? 12 ASN A CA  1 
ATOM   84  C C   . ASN A 1 12 ? 1.123   4.807   -7.772  1.00 15.47 ? 12 ASN A C   1 
ATOM   85  O O   . ASN A 1 12 ? 1.216   3.694   -7.189  1.00 14.99 ? 12 ASN A O   1 
ATOM   86  C CB  . ASN A 1 12 ? 2.822   6.557   -7.488  1.00 15.89 ? 12 ASN A CB  1 
ATOM   87  C CG  . ASN A 1 12 ? 4.237   7.014   -7.820  1.00 19.22 ? 12 ASN A CG  1 
ATOM   88  O OD1 . ASN A 1 12 ? 4.884   6.466   -8.723  1.00 19.67 ? 12 ASN A OD1 1 
ATOM   89  N ND2 . ASN A 1 12 ? 4.737   8.008   -7.067  1.00 20.33 ? 12 ASN A ND2 1 
ATOM   90  N N   . PHE A 1 13 ? 0.010   5.528   -7.794  1.00 15.11 ? 13 PHE A N   1 
ATOM   91  C CA  . PHE A 1 13 ? -1.191  5.002   -7.148  1.00 15.30 ? 13 PHE A CA  1 
ATOM   92  C C   . PHE A 1 13 ? -1.705  3.771   -7.879  1.00 15.80 ? 13 PHE A C   1 
ATOM   93  O O   . PHE A 1 13 ? -2.225  2.849   -7.253  1.00 16.40 ? 13 PHE A O   1 
ATOM   94  C CB  . PHE A 1 13 ? -2.270  6.082   -7.047  1.00 14.95 ? 13 PHE A CB  1 
ATOM   95  C CG  . PHE A 1 13 ? -1.966  7.112   -6.008  1.00 14.88 ? 13 PHE A CG  1 
ATOM   96  C CD1 . PHE A 1 13 ? -1.776  6.733   -4.675  1.00 12.83 ? 13 PHE A CD1 1 
ATOM   97  C CD2 . PHE A 1 13 ? -1.865  8.453   -6.342  1.00 11.68 ? 13 PHE A CD2 1 
ATOM   98  C CE1 . PHE A 1 13 ? -1.520  7.670   -3.680  1.00 10.72 ? 13 PHE A CE1 1 
ATOM   99  C CE2 . PHE A 1 13 ? -1.568  9.403   -5.374  1.00 13.32 ? 13 PHE A CE2 1 
ATOM   100 C CZ  . PHE A 1 13 ? -1.404  9.027   -4.030  1.00 11.40 ? 13 PHE A CZ  1 
ATOM   101 N N   . GLY A 1 14 ? -1.554  3.748   -9.210  1.00 14.40 ? 14 GLY A N   1 
ATOM   102 C CA  . GLY A 1 14 ? -1.954  2.584   -9.977  1.00 14.92 ? 14 GLY A CA  1 
ATOM   103 C C   . GLY A 1 14 ? -1.165  1.355   -9.563  1.00 14.36 ? 14 GLY A C   1 
ATOM   104 O O   . GLY A 1 14 ? -1.738  0.239   -9.498  1.00 15.31 ? 14 GLY A O   1 
ATOM   105 N N   . ALA A 1 15 ? 0.132   1.552   -9.303  1.00 14.43 ? 15 ALA A N   1 
ATOM   106 C CA  . ALA A 1 15 ? 1.060   0.457   -9.011  1.00 14.36 ? 15 ALA A CA  1 
ATOM   107 C C   . ALA A 1 15 ? 0.692   -0.032  -7.602  1.00 15.13 ? 15 ALA A C   1 
ATOM   108 O O   . ALA A 1 15 ? 0.650   -1.262  -7.311  1.00 15.69 ? 15 ALA A O   1 
ATOM   109 C CB  . ALA A 1 15 ? 2.474   0.984   -9.030  1.00 14.24 ? 15 ALA A CB  1 
ATOM   110 N N   . ILE A 1 16 ? 0.467   0.929   -6.710  1.00 14.44 ? 16 ILE A N   1 
ATOM   111 C CA  . ILE A 1 16 ? 0.047   0.571   -5.330  1.00 13.68 ? 16 ILE A CA  1 
ATOM   112 C C   . ILE A 1 16 ? -1.258  -0.210  -5.338  1.00 14.01 ? 16 ILE A C   1 
ATOM   113 O O   . ILE A 1 16 ? -1.346  -1.249  -4.664  1.00 13.74 ? 16 ILE A O   1 
ATOM   114 C CB  . ILE A 1 16 ? -0.043  1.830   -4.422  1.00 13.94 ? 16 ILE A CB  1 
ATOM   115 C CG1 . ILE A 1 16 ? 1.351   2.394   -4.135  1.00 14.13 ? 16 ILE A CG1 1 
ATOM   116 C CG2 . ILE A 1 16 ? -0.717  1.497   -3.079  1.00 14.47 ? 16 ILE A CG2 1 
ATOM   117 C CD1 . ILE A 1 16 ? 1.321   3.914   -3.687  1.00 16.43 ? 16 ILE A CD1 1 
ATOM   118 N N   . SER A 1 17 ? -2.229  0.201   -6.160  1.00 14.39 ? 17 SER A N   1 
ATOM   119 C CA  . SER A 1 17 ? -3.459  -0.575  -6.230  1.00 13.82 ? 17 SER A CA  1 
ATOM   120 C C   . SER A 1 17 ? -3.223  -1.999  -6.712  1.00 14.24 ? 17 SER A C   1 
ATOM   121 O O   . SER A 1 17 ? -3.812  -2.964  -6.168  1.00 12.78 ? 17 SER A O   1 
ATOM   122 C CB  . SER A 1 17 ? -4.491  0.160   -7.089  1.00 14.82 ? 17 SER A CB  1 
ATOM   123 O OG  . SER A 1 17 ? -5.642  -0.674  -7.254  1.00 16.95 ? 17 SER A OG  1 
ATOM   124 N N   . SER A 1 18 ? -2.388  -2.132  -7.752  1.00 13.30 ? 18 SER A N   1 
ATOM   125 C CA  . SER A 1 18 ? -2.064  -3.453  -8.279  1.00 14.33 ? 18 SER A CA  1 
ATOM   126 C C   . SER A 1 18 ? -1.461  -4.331  -7.188  1.00 14.14 ? 18 SER A C   1 
ATOM   127 O O   . SER A 1 18 ? -1.852  -5.499  -7.034  1.00 15.35 ? 18 SER A O   1 
ATOM   128 C CB  . SER A 1 18 ? -1.095  -3.315  -9.463  1.00 14.12 ? 18 SER A CB  1 
ATOM   129 O OG  . SER A 1 18 ? -0.949  -4.570  -10.130 1.00 18.32 ? 18 SER A OG  1 
ATOM   130 N N   . VAL A 1 19 ? -0.476  -3.786  -6.484  1.00 13.32 ? 19 VAL A N   1 
ATOM   131 C CA  . VAL A 1 19 ? 0.241   -4.572  -5.464  1.00 14.21 ? 19 VAL A CA  1 
ATOM   132 C C   . VAL A 1 19 ? -0.692  -4.945  -4.322  1.00 15.09 ? 19 VAL A C   1 
ATOM   133 O O   . VAL A 1 19 ? -0.734  -6.120  -3.901  1.00 14.09 ? 19 VAL A O   1 
ATOM   134 C CB  . VAL A 1 19 ? 1.499   -3.831  -4.965  1.00 14.37 ? 19 VAL A CB  1 
ATOM   135 C CG1 . VAL A 1 19 ? 2.137   -4.625  -3.812  1.00 14.21 ? 19 VAL A CG1 1 
ATOM   136 C CG2 . VAL A 1 19 ? 2.502   -3.697  -6.114  1.00 12.23 ? 19 VAL A CG2 1 
ATOM   137 N N   . LEU A 1 20 ? -1.510  -3.986  -3.890  1.00 15.44 ? 20 LEU A N   1 
ATOM   138 C CA  . LEU A 1 20 ? -2.502  -4.279  -2.832  1.00 14.70 ? 20 LEU A CA  1 
ATOM   139 C C   . LEU A 1 20 ? -3.493  -5.360  -3.243  1.00 14.71 ? 20 LEU A C   1 
ATOM   140 O O   . LEU A 1 20 ? -3.801  -6.250  -2.418  1.00 13.60 ? 20 LEU A O   1 
ATOM   141 C CB  . LEU A 1 20 ? -3.256  -3.013  -2.359  1.00 15.18 ? 20 LEU A CB  1 
ATOM   142 C CG  . LEU A 1 20 ? -2.361  -2.062  -1.570  1.00 14.72 ? 20 LEU A CG  1 
ATOM   143 C CD1 . LEU A 1 20 ? -3.109  -0.762  -1.358  1.00 13.61 ? 20 LEU A CD1 1 
ATOM   144 C CD2 . LEU A 1 20 ? -1.974  -2.653  -0.241  1.00 14.84 ? 20 LEU A CD2 1 
ATOM   145 N N   . ASN A 1 21 ? -3.965  -5.318  -4.493  1.00 12.93 ? 21 ASN A N   1 
ATOM   146 C CA  . ASN A 1 21 ? -4.936  -6.307  -4.942  1.00 13.75 ? 21 ASN A CA  1 
ATOM   147 C C   . ASN A 1 21 ? -4.300  -7.675  -4.945  1.00 13.72 ? 21 ASN A C   1 
ATOM   148 O O   . ASN A 1 21 ? -4.964  -8.655  -4.565  1.00 13.57 ? 21 ASN A O   1 
ATOM   149 C CB  . ASN A 1 21 ? -5.439  -5.989  -6.341  1.00 13.55 ? 21 ASN A CB  1 
ATOM   150 C CG  . ASN A 1 21 ? -6.483  -4.884  -6.359  1.00 19.46 ? 21 ASN A CG  1 
ATOM   151 O OD1 . ASN A 1 21 ? -6.892  -4.445  -7.429  1.00 23.31 ? 21 ASN A OD1 1 
ATOM   152 N ND2 . ASN A 1 21 ? -6.948  -4.462  -5.188  1.00 21.73 ? 21 ASN A ND2 1 
ATOM   153 N N   . ASP A 1 22 ? -3.021  -7.753  -5.359  1.00 12.31 ? 22 ASP A N   1 
ATOM   154 C CA  . ASP A 1 22 ? -2.335  -9.057  -5.411  1.00 13.50 ? 22 ASP A CA  1 
ATOM   155 C C   . ASP A 1 22 ? -2.217  -9.579  -3.967  1.00 12.96 ? 22 ASP A C   1 
ATOM   156 O O   . ASP A 1 22 ? -2.502  -10.738 -3.698  1.00 13.63 ? 22 ASP A O   1 
ATOM   157 C CB  . ASP A 1 22 ? -0.930  -8.922  -6.032  1.00 14.99 ? 22 ASP A CB  1 
ATOM   158 C CG  . ASP A 1 22 ? -0.135  -10.227 -6.016  1.00 18.04 ? 22 ASP A CG  1 
ATOM   159 O OD1 . ASP A 1 22 ? -0.539  -11.174 -6.728  1.00 19.70 ? 22 ASP A OD1 1 
ATOM   160 O OD2 . ASP A 1 22 ? 0.938   -10.380 -5.362  1.00 21.43 ? 22 ASP A OD2 1 
ATOM   161 N N   . ILE A 1 23 ? -1.785  -8.713  -3.053  1.00 11.56 ? 23 ILE A N   1 
ATOM   162 C CA  . ILE A 1 23 ? -1.678  -9.089  -1.636  1.00 13.17 ? 23 ILE A CA  1 
ATOM   163 C C   . ILE A 1 23 ? -3.023  -9.578  -1.072  1.00 12.44 ? 23 ILE A C   1 
ATOM   164 O O   . ILE A 1 23 ? -3.095  -10.638 -0.412  1.00 14.23 ? 23 ILE A O   1 
ATOM   165 C CB  . ILE A 1 23 ? -1.129  -7.912  -0.819  1.00 12.40 ? 23 ILE A CB  1 
ATOM   166 C CG1 . ILE A 1 23 ? 0.372   -7.722  -1.148  1.00 14.71 ? 23 ILE A CG1 1 
ATOM   167 C CG2 . ILE A 1 23 ? -1.331  -8.154  0.731   1.00 12.62 ? 23 ILE A CG2 1 
ATOM   168 C CD1 . ILE A 1 23 ? 0.942   -6.383  -0.635  1.00 13.21 ? 23 ILE A CD1 1 
ATOM   169 N N   . LEU A 1 24 ? -4.087  -8.833  -1.355  1.00 13.46 ? 24 LEU A N   1 
ATOM   170 C CA  . LEU A 1 24 ? -5.411  -9.176  -0.810  1.00 12.47 ? 24 LEU A CA  1 
ATOM   171 C C   . LEU A 1 24 ? -5.868  -10.552 -1.314  1.00 13.76 ? 24 LEU A C   1 
ATOM   172 O O   . LEU A 1 24 ? -6.404  -11.379 -0.548  1.00 12.89 ? 24 LEU A O   1 
ATOM   173 C CB  . LEU A 1 24 ? -6.422  -8.060  -1.115  1.00 11.99 ? 24 LEU A CB  1 
ATOM   174 C CG  . LEU A 1 24 ? -6.182  -6.846  -0.221  1.00 12.66 ? 24 LEU A CG  1 
ATOM   175 C CD1 . LEU A 1 24 ? -6.914  -5.658  -0.851  1.00 11.14 ? 24 LEU A CD1 1 
ATOM   176 C CD2 . LEU A 1 24 ? -6.628  -6.994  1.204   1.00 12.12 ? 24 LEU A CD2 1 
ATOM   177 N N   . SER A 1 25 ? -5.620  -10.824 -2.602  1.00 13.43 ? 25 SER A N   1 
ATOM   178 C CA  . SER A 1 25 ? -6.023  -12.110 -3.187  1.00 13.33 ? 25 SER A CA  1 
ATOM   179 C C   . SER A 1 25 ? -5.254  -13.263 -2.579  1.00 12.89 ? 25 SER A C   1 
ATOM   180 O O   . SER A 1 25 ? -5.828  -14.323 -2.304  1.00 12.42 ? 25 SER A O   1 
ATOM   181 C CB  . SER A 1 25 ? -5.810  -12.097 -4.699  1.00 15.02 ? 25 SER A CB  1 
ATOM   182 O OG  . SER A 1 25 ? -6.701  -11.187 -5.337  1.00 20.25 ? 25 SER A OG  1 
ATOM   183 N N   . ARG A 1 26 ? -3.954  -13.049 -2.393  1.00 12.85 ? 26 ARG A N   1 
ATOM   184 C CA  . ARG A 1 26 ? -3.075  -14.080 -1.807  1.00 12.53 ? 26 ARG A CA  1 
ATOM   185 C C   . ARG A 1 26 ? -3.418  -14.320 -0.342  1.00 13.26 ? 26 ARG A C   1 
ATOM   186 O O   . ARG A 1 26 ? -3.419  -15.475 0.138   1.00 12.97 ? 26 ARG A O   1 
ATOM   187 C CB  . ARG A 1 26 ? -1.617  -13.668 -1.962  1.00 12.99 ? 26 ARG A CB  1 
ATOM   188 C CG  . ARG A 1 26 ? -1.144  -13.758 -3.399  1.00 12.59 ? 26 ARG A CG  1 
ATOM   189 C CD  . ARG A 1 26 ? 0.148   -13.047 -3.622  1.00 10.16 ? 26 ARG A CD  1 
ATOM   190 N NE  . ARG A 1 26 ? 1.255   -13.717 -2.934  1.00 10.44 ? 26 ARG A NE  1 
ATOM   191 C CZ  . ARG A 1 26 ? 2.444   -13.184 -2.708  1.00 14.34 ? 26 ARG A CZ  1 
ATOM   192 N NH1 . ARG A 1 26 ? 2.713   -11.920 -3.114  1.00 17.26 ? 26 ARG A NH1 1 
ATOM   193 N NH2 . ARG A 1 26 ? 3.370   -13.913 -2.089  1.00 17.10 ? 26 ARG A NH2 1 
ATOM   194 N N   . LEU A 1 27 ? -3.760  -13.238 0.362   1.00 12.92 ? 27 LEU A N   1 
ATOM   195 C CA  . LEU A 1 27 ? -4.086  -13.346 1.787   1.00 13.61 ? 27 LEU A CA  1 
ATOM   196 C C   . LEU A 1 27 ? -5.418  -14.072 1.933   1.00 13.14 ? 27 LEU A C   1 
ATOM   197 O O   . LEU A 1 27 ? -5.572  -14.946 2.801   1.00 13.13 ? 27 LEU A O   1 
ATOM   198 C CB  . LEU A 1 27 ? -4.118  -11.933 2.388   1.00 12.51 ? 27 LEU A CB  1 
ATOM   199 C CG  . LEU A 1 27 ? -4.517  -11.734 3.836   1.00 15.28 ? 27 LEU A CG  1 
ATOM   200 C CD1 . LEU A 1 27 ? -3.571  -12.459 4.794   1.00 16.12 ? 27 LEU A CD1 1 
ATOM   201 C CD2 . LEU A 1 27 ? -4.499  -10.212 4.090   1.00 15.16 ? 27 LEU A CD2 1 
ATOM   202 N N   . ASP A 1 28 ? -6.367  -13.771 1.041   1.00 14.17 ? 28 ASP A N   1 
ATOM   203 C CA  . ASP A 1 28 ? -7.618  -14.500 1.057   1.00 14.27 ? 28 ASP A CA  1 
ATOM   204 C C   . ASP A 1 28 ? -7.374  -15.994 0.957   1.00 14.53 ? 28 ASP A C   1 
ATOM   205 O O   . ASP A 1 28 ? -8.003  -16.782 1.681   1.00 14.05 ? 28 ASP A O   1 
ATOM   206 C CB  . ASP A 1 28 ? -8.503  -14.098 -0.113  1.00 15.58 ? 28 ASP A CB  1 
ATOM   207 C CG  . ASP A 1 28 ? -9.183  -12.765 0.088   1.00 18.68 ? 28 ASP A CG  1 
ATOM   208 O OD1 . ASP A 1 28 ? -9.291  -12.271 1.238   1.00 19.95 ? 28 ASP A OD1 1 
ATOM   209 O OD2 . ASP A 1 28 ? -9.649  -12.128 -0.891  1.00 18.43 ? 28 ASP A OD2 1 
ATOM   210 N N   . LYS A 1 29 ? -6.510  -16.376 0.022   1.00 14.04 ? 29 LYS A N   1 
ATOM   211 C CA  . LYS A 1 29 ? -6.228  -17.791 -0.247  1.00 14.54 ? 29 LYS A CA  1 
ATOM   212 C C   . LYS A 1 29 ? -5.553  -18.472 0.959   1.00 14.21 ? 29 LYS A C   1 
ATOM   213 O O   . LYS A 1 29 ? -5.903  -19.620 1.312   1.00 14.70 ? 29 LYS A O   1 
ATOM   214 C CB  . LYS A 1 29 ? -5.390  -17.931 -1.533  1.00 14.81 ? 29 LYS A CB  1 
ATOM   215 C CG  . LYS A 1 29 ? -6.148  -17.612 -2.850  1.00 19.29 ? 29 LYS A CG  1 
ATOM   216 C CD  . LYS A 1 29 ? -5.289  -17.864 -4.101  1.00 23.01 ? 29 LYS A CD  1 
ATOM   217 C CE  . LYS A 1 29 ? -4.124  -16.857 -4.191  1.00 26.36 ? 29 LYS A CE  1 
ATOM   218 N NZ  . LYS A 1 29 ? -2.776  -17.506 -3.956  1.00 26.38 ? 29 LYS A NZ  1 
ATOM   219 N N   . VAL A 1 30 ? -4.583  -17.796 1.592   1.00 13.75 ? 30 VAL A N   1 
ATOM   220 C CA  . VAL A 1 30 ? -3.948  -18.371 2.781   1.00 13.56 ? 30 VAL A CA  1 
ATOM   221 C C   . VAL A 1 30 ? -4.939  -18.552 3.921   1.00 13.40 ? 30 VAL A C   1 
ATOM   222 O O   . VAL A 1 30 ? -4.955  -19.593 4.581   1.00 14.09 ? 30 VAL A O   1 
ATOM   223 C CB  . VAL A 1 30 ? -2.756  -17.524 3.272   1.00 14.22 ? 30 VAL A CB  1 
ATOM   224 C CG1 . VAL A 1 30 ? -2.332  -17.937 4.643   1.00 14.52 ? 30 VAL A CG1 1 
ATOM   225 C CG2 . VAL A 1 30 ? -1.610  -17.643 2.288   1.00 14.32 ? 30 VAL A CG2 1 
ATOM   226 N N   . GLU A 1 31 ? -5.769  -17.533 4.135   1.00 13.07 ? 31 GLU A N   1 
ATOM   227 C CA  . GLU A 1 31 ? -6.753  -17.565 5.227   1.00 12.76 ? 31 GLU A CA  1 
ATOM   228 C C   . GLU A 1 31 ? -7.696  -18.738 5.071   1.00 13.44 ? 31 GLU A C   1 
ATOM   229 O O   . GLU A 1 31 ? -8.136  -19.321 6.065   1.00 13.99 ? 31 GLU A O   1 
ATOM   230 C CB  . GLU A 1 31 ? -7.569  -16.289 5.219   1.00 11.70 ? 31 GLU A CB  1 
ATOM   231 C CG  . GLU A 1 31 ? -6.796  -15.121 5.782   1.00 11.49 ? 31 GLU A CG  1 
ATOM   232 C CD  . GLU A 1 31 ? -7.558  -13.819 5.711   1.00 15.80 ? 31 GLU A CD  1 
ATOM   233 O OE1 . GLU A 1 31 ? -8.520  -13.701 4.907   1.00 14.35 ? 31 GLU A OE1 1 
ATOM   234 O OE2 . GLU A 1 31 ? -7.205  -12.916 6.481   1.00 15.33 ? 31 GLU A OE2 1 
ATOM   235 N N   . ALA A 1 32 ? -8.003  -19.068 3.811   1.00 14.91 ? 32 ALA A N   1 
ATOM   236 C CA  . ALA A 1 32 ? -8.891  -20.188 3.467   1.00 15.90 ? 32 ALA A CA  1 
ATOM   237 C C   . ALA A 1 32 ? -8.247  -21.542 3.672   1.00 17.41 ? 32 ALA A C   1 
ATOM   238 O O   . ALA A 1 32 ? -8.944  -22.573 3.669   1.00 17.46 ? 32 ALA A O   1 
ATOM   239 C CB  . ALA A 1 32 ? -9.346  -20.065 2.026   1.00 16.35 ? 32 ALA A CB  1 
ATOM   240 N N   . GLU A 1 33 ? -6.928  -21.560 3.852   1.00 17.32 ? 33 GLU A N   1 
ATOM   241 C CA  . GLU A 1 33 ? -6.181  -22.813 3.965   1.00 18.62 ? 33 GLU A CA  1 
ATOM   242 C C   . GLU A 1 33 ? -5.830  -23.171 5.400   1.00 19.48 ? 33 GLU A C   1 
ATOM   243 O O   . GLU A 1 33 ? -5.429  -24.309 5.677   1.00 20.56 ? 33 GLU A O   1 
ATOM   244 C CB  . GLU A 1 33 ? -4.904  -22.749 3.128   1.00 18.61 ? 33 GLU A CB  1 
ATOM   245 C CG  . GLU A 1 33 ? -5.137  -22.950 1.648   1.00 20.17 ? 33 GLU A CG  1 
ATOM   246 C CD  . GLU A 1 33 ? -4.113  -22.250 0.781   1.00 24.28 ? 33 GLU A CD  1 
ATOM   247 O OE1 . GLU A 1 33 ? -3.328  -21.396 1.288   1.00 23.17 ? 33 GLU A OE1 1 
ATOM   248 O OE2 . GLU A 1 33 ? -4.099  -22.550 -0.437  1.00 28.90 ? 33 GLU A OE2 1 
ATOM   249 N N   . VAL A 1 34 ? -5.988  -22.222 6.314   1.00 20.44 ? 34 VAL A N   1 
ATOM   250 C CA  . VAL A 1 34 ? -5.878  -22.529 7.737   1.00 22.06 ? 34 VAL A CA  1 
ATOM   251 C C   . VAL A 1 34 ? -7.175  -23.203 8.235   1.00 22.57 ? 34 VAL A C   1 
ATOM   252 O O   . VAL A 1 34 ? -7.189  -24.220 8.938   1.00 23.94 ? 34 VAL A O   1 
ATOM   253 C CB  . VAL A 1 34 ? -5.519  -21.291 8.583   1.00 22.52 ? 34 VAL A CB  1 
ATOM   254 C CG1 . VAL A 1 34 ? -5.839  -21.542 10.067  1.00 24.09 ? 34 VAL A CG1 1 
ATOM   255 C CG2 . VAL A 1 34 ? -4.041  -20.894 8.374   1.00 22.55 ? 34 VAL A CG2 1 
ATOM   256 O OXT . VAL A 1 34 ? -8.321  -22.832 7.951   1.00 22.94 ? 34 VAL A OXT 1 
ATOM   257 N N   . LEU B 1 2  ? 6.924   23.863  -5.740  1.00 22.71 ? 2  LEU B N   1 
ATOM   258 C CA  . LEU B 1 2  ? 6.141   22.791  -5.051  1.00 21.34 ? 2  LEU B CA  1 
ATOM   259 C C   . LEU B 1 2  ? 7.049   21.851  -4.249  1.00 20.21 ? 2  LEU B C   1 
ATOM   260 O O   . LEU B 1 2  ? 6.744   20.672  -4.060  1.00 18.73 ? 2  LEU B O   1 
ATOM   261 C CB  . LEU B 1 2  ? 5.327   22.011  -6.082  1.00 23.05 ? 2  LEU B CB  1 
ATOM   262 C CG  . LEU B 1 2  ? 3.842   22.335  -6.289  1.00 23.65 ? 2  LEU B CG  1 
ATOM   263 C CD1 . LEU B 1 2  ? 3.458   23.699  -5.773  1.00 26.87 ? 2  LEU B CD1 1 
ATOM   264 C CD2 . LEU B 1 2  ? 3.440   22.148  -7.733  1.00 25.28 ? 2  LEU B CD2 1 
ATOM   265 N N   . ASN B 1 3  ? 8.167   22.400  -3.788  1.00 18.92 ? 3  ASN B N   1 
ATOM   266 C CA  . ASN B 1 3  ? 9.206   21.643  -3.106  1.00 18.50 ? 3  ASN B CA  1 
ATOM   267 C C   . ASN B 1 3  ? 8.698   20.915  -1.872  1.00 16.92 ? 3  ASN B C   1 
ATOM   268 O O   . ASN B 1 3  ? 9.047   19.770  -1.655  1.00 16.99 ? 3  ASN B O   1 
ATOM   269 C CB  . ASN B 1 3  ? 10.355  22.574  -2.713  1.00 18.84 ? 3  ASN B CB  1 
ATOM   270 C CG  . ASN B 1 3  ? 11.029  23.185  -3.915  1.00 22.37 ? 3  ASN B CG  1 
ATOM   271 O OD1 . ASN B 1 3  ? 11.511  24.330  -3.866  1.00 27.80 ? 3  ASN B OD1 1 
ATOM   272 N ND2 . ASN B 1 3  ? 11.063  22.434  -5.014  1.00 25.46 ? 3  ASN B ND2 1 
ATOM   273 N N   . THR B 1 4  ? 7.888   21.603  -1.072  1.00 16.30 ? 4  THR B N   1 
ATOM   274 C CA  . THR B 1 4  ? 7.399   21.039  0.184   1.00 15.69 ? 4  THR B CA  1 
ATOM   275 C C   . THR B 1 4  ? 6.504   19.836  -0.083  1.00 15.21 ? 4  THR B C   1 
ATOM   276 O O   . THR B 1 4  ? 6.685   18.789  0.521   1.00 15.49 ? 4  THR B O   1 
ATOM   277 C CB  . THR B 1 4  ? 6.657   22.094  0.985   1.00 16.36 ? 4  THR B CB  1 
ATOM   278 O OG1 . THR B 1 4  ? 7.606   23.066  1.461   1.00 17.95 ? 4  THR B OG1 1 
ATOM   279 C CG2 . THR B 1 4  ? 6.071   21.481  2.271   1.00 16.27 ? 4  THR B CG2 1 
ATOM   280 N N   . LEU B 1 5  ? 5.556   19.984  -1.009  1.00 14.00 ? 5  LEU B N   1 
ATOM   281 C CA  . LEU B 1 5  ? 4.636   18.879  -1.304  1.00 13.51 ? 5  LEU B CA  1 
ATOM   282 C C   . LEU B 1 5  ? 5.390   17.685  -1.851  1.00 12.47 ? 5  LEU B C   1 
ATOM   283 O O   . LEU B 1 5  ? 5.115   16.532  -1.507  1.00 12.59 ? 5  LEU B O   1 
ATOM   284 C CB  . LEU B 1 5  ? 3.594   19.355  -2.318  1.00 13.58 ? 5  LEU B CB  1 
ATOM   285 C CG  . LEU B 1 5  ? 2.591   18.325  -2.825  1.00 14.17 ? 5  LEU B CG  1 
ATOM   286 C CD1 . LEU B 1 5  ? 1.754   17.712  -1.708  1.00 13.37 ? 5  LEU B CD1 1 
ATOM   287 C CD2 . LEU B 1 5  ? 1.724   18.967  -3.941  1.00 14.32 ? 5  LEU B CD2 1 
ATOM   288 N N   . VAL B 1 6  ? 6.315   17.949  -2.768  1.00 11.54 ? 6  VAL B N   1 
ATOM   289 C CA  . VAL B 1 6  ? 7.036   16.826  -3.358  1.00 12.75 ? 6  VAL B CA  1 
ATOM   290 C C   . VAL B 1 6  ? 7.841   16.062  -2.307  1.00 12.42 ? 6  VAL B C   1 
ATOM   291 O O   . VAL B 1 6  ? 7.903   14.815  -2.345  1.00 13.84 ? 6  VAL B O   1 
ATOM   292 C CB  . VAL B 1 6  ? 7.948   17.318  -4.526  1.00 12.39 ? 6  VAL B CB  1 
ATOM   293 C CG1 . VAL B 1 6  ? 8.912   16.217  -4.904  1.00 14.05 ? 6  VAL B CG1 1 
ATOM   294 C CG2 . VAL B 1 6  ? 7.101   17.705  -5.729  1.00 13.72 ? 6  VAL B CG2 1 
ATOM   295 N N   . LYS B 1 7  ? 8.394   16.795  -1.335  1.00 12.90 ? 7  LYS B N   1 
ATOM   296 C CA  . LYS B 1 7  ? 9.188   16.174  -0.291  1.00 13.27 ? 7  LYS B CA  1 
ATOM   297 C C   . LYS B 1 7  ? 8.270   15.306  0.562   1.00 13.43 ? 7  LYS B C   1 
ATOM   298 O O   . LYS B 1 7  ? 8.632   14.186  0.918   1.00 14.27 ? 7  LYS B O   1 
ATOM   299 C CB  . LYS B 1 7  ? 9.938   17.223  0.532   1.00 14.27 ? 7  LYS B CB  1 
ATOM   300 C CG  . LYS B 1 7  ? 11.276  17.555  -0.091  1.00 19.12 ? 7  LYS B CG  1 
ATOM   301 C CD  . LYS B 1 7  ? 11.711  19.001  0.141   1.00 23.28 ? 7  LYS B CD  1 
ATOM   302 C CE  . LYS B 1 7  ? 13.227  19.166  -0.046  1.00 25.75 ? 7  LYS B CE  1 
ATOM   303 N NZ  . LYS B 1 7  ? 13.701  20.524  0.327   1.00 28.81 ? 7  LYS B NZ  1 
ATOM   304 N N   . GLN B 1 8  ? 7.076   15.828  0.857   1.00 12.48 ? 8  GLN B N   1 
ATOM   305 C CA  . GLN B 1 8  ? 6.092   15.069  1.652   1.00 12.71 ? 8  GLN B CA  1 
ATOM   306 C C   . GLN B 1 8  ? 5.674   13.815  0.919   1.00 12.88 ? 8  GLN B C   1 
ATOM   307 O O   . GLN B 1 8  ? 5.555   12.727  1.536   1.00 12.31 ? 8  GLN B O   1 
ATOM   308 C CB  . GLN B 1 8  ? 4.869   15.920  1.948   1.00 13.51 ? 8  GLN B CB  1 
ATOM   309 C CG  . GLN B 1 8  ? 5.128   17.044  2.974   1.00 13.60 ? 8  GLN B CG  1 
ATOM   310 C CD  . GLN B 1 8  ? 4.018   18.113  3.004   1.00 15.13 ? 8  GLN B CD  1 
ATOM   311 O OE1 . GLN B 1 8  ? 3.143   18.143  2.125   1.00 15.05 ? 8  GLN B OE1 1 
ATOM   312 N NE2 . GLN B 1 8  ? 4.093   19.018  3.970   1.00 10.01 ? 8  GLN B NE2 1 
ATOM   313 N N   . LEU B 1 9  ? 5.432   13.948  -0.392  1.00 12.59 ? 9  LEU B N   1 
ATOM   314 C CA  . LEU B 1 9  ? 4.970   12.806  -1.200  1.00 12.51 ? 9  LEU B CA  1 
ATOM   315 C C   . LEU B 1 9  ? 6.074   11.736  -1.216  1.00 13.66 ? 9  LEU B C   1 
ATOM   316 O O   . LEU B 1 9  ? 5.794   10.554  -1.069  1.00 14.16 ? 9  LEU B O   1 
ATOM   317 C CB  . LEU B 1 9  ? 4.634   13.259  -2.632  1.00 12.77 ? 9  LEU B CB  1 
ATOM   318 C CG  . LEU B 1 9  ? 3.352   14.109  -2.678  1.00 13.11 ? 9  LEU B CG  1 
ATOM   319 C CD1 . LEU B 1 9  ? 3.186   14.725  -4.034  1.00 10.95 ? 9  LEU B CD1 1 
ATOM   320 C CD2 . LEU B 1 9  ? 2.138   13.182  -2.427  1.00 14.67 ? 9  LEU B CD2 1 
ATOM   321 N N   . SER B 1 10 ? 7.324   12.159  -1.434  1.00 13.59 ? 10 SER B N   1 
ATOM   322 C CA  . SER B 1 10 ? 8.451   11.222  -1.456  1.00 14.85 ? 10 SER B CA  1 
ATOM   323 C C   . SER B 1 10 ? 8.523   10.412  -0.154  1.00 14.79 ? 10 SER B C   1 
ATOM   324 O O   . SER B 1 10 ? 8.737   9.154   -0.163  1.00 13.54 ? 10 SER B O   1 
ATOM   325 C CB  . SER B 1 10 ? 9.782   11.957  -1.709  1.00 15.65 ? 10 SER B CB  1 
ATOM   326 O OG  . SER B 1 10 ? 10.855  11.010  -1.704  1.00 18.64 ? 10 SER B OG  1 
ATOM   327 N N   . SER B 1 11 ? 8.357   11.118  0.965   1.00 14.20 ? 11 SER B N   1 
ATOM   328 C CA  . SER B 1 11 ? 8.365   10.464  2.273   1.00 15.07 ? 11 SER B CA  1 
ATOM   329 C C   . SER B 1 11 ? 7.240   9.427   2.367   1.00 14.38 ? 11 SER B C   1 
ATOM   330 O O   . SER B 1 11 ? 7.450   8.296   2.831   1.00 15.86 ? 11 SER B O   1 
ATOM   331 C CB  . SER B 1 11 ? 8.255   11.464  3.413   1.00 14.91 ? 11 SER B CB  1 
ATOM   332 O OG  . SER B 1 11 ? 8.459   10.820  4.669   1.00 19.84 ? 11 SER B OG  1 
ATOM   333 N N   . ASN B 1 12 ? 6.038   9.826   1.968   1.00 14.50 ? 12 ASN B N   1 
ATOM   334 C CA  . ASN B 1 12 ? 4.876   8.917   2.049   1.00 14.87 ? 12 ASN B CA  1 
ATOM   335 C C   . ASN B 1 12 ? 5.087   7.688   1.204   1.00 14.65 ? 12 ASN B C   1 
ATOM   336 O O   . ASN B 1 12 ? 4.783   6.541   1.638   1.00 14.78 ? 12 ASN B O   1 
ATOM   337 C CB  . ASN B 1 12 ? 3.634   9.656   1.546   1.00 14.59 ? 12 ASN B CB  1 
ATOM   338 C CG  . ASN B 1 12 ? 3.127   10.678  2.537   1.00 17.22 ? 12 ASN B CG  1 
ATOM   339 O OD1 . ASN B 1 12 ? 3.688   10.831  3.620   1.00 20.77 ? 12 ASN B OD1 1 
ATOM   340 N ND2 . ASN B 1 12 ? 2.080   11.396  2.165   1.00 19.44 ? 12 ASN B ND2 1 
ATOM   341 N N   . PHE B 1 13 ? 5.562   7.900   -0.033  1.00 15.64 ? 13 PHE B N   1 
ATOM   342 C CA  . PHE B 1 13 ? 5.741   6.765   -0.957  1.00 14.59 ? 13 PHE B CA  1 
ATOM   343 C C   . PHE B 1 13 ? 6.868   5.847   -0.460  1.00 15.19 ? 13 PHE B C   1 
ATOM   344 O O   . PHE B 1 13 ? 6.764   4.623   -0.582  1.00 15.66 ? 13 PHE B O   1 
ATOM   345 C CB  . PHE B 1 13 ? 5.967   7.207   -2.414  1.00 14.39 ? 13 PHE B CB  1 
ATOM   346 C CG  . PHE B 1 13 ? 4.730   7.744   -3.075  1.00 12.40 ? 13 PHE B CG  1 
ATOM   347 C CD1 . PHE B 1 13 ? 3.587   6.938   -3.213  1.00 11.52 ? 13 PHE B CD1 1 
ATOM   348 C CD2 . PHE B 1 13 ? 4.683   9.033   -3.565  1.00 10.87 ? 13 PHE B CD2 1 
ATOM   349 C CE1 . PHE B 1 13 ? 2.426   7.432   -3.816  1.00 11.40 ? 13 PHE B CE1 1 
ATOM   350 C CE2 . PHE B 1 13 ? 3.486   9.526   -4.163  1.00 11.42 ? 13 PHE B CE2 1 
ATOM   351 C CZ  . PHE B 1 13 ? 2.386   8.713   -4.298  1.00 12.99 ? 13 PHE B CZ  1 
ATOM   352 N N   . GLY B 1 14 ? 7.932   6.420   0.119   1.00 15.15 ? 14 GLY B N   1 
ATOM   353 C CA  . GLY B 1 14 ? 8.989   5.605   0.713   1.00 15.66 ? 14 GLY B CA  1 
ATOM   354 C C   . GLY B 1 14 ? 8.437   4.725   1.831   1.00 15.09 ? 14 GLY B C   1 
ATOM   355 O O   . GLY B 1 14 ? 8.797   3.530   1.904   1.00 16.16 ? 14 GLY B O   1 
ATOM   356 N N   . ALA B 1 15 ? 7.578   5.287   2.686   1.00 14.81 ? 15 ALA B N   1 
ATOM   357 C CA  . ALA B 1 15 ? 6.992   4.545   3.795   1.00 15.03 ? 15 ALA B CA  1 
ATOM   358 C C   . ALA B 1 15 ? 6.086   3.435   3.260   1.00 15.19 ? 15 ALA B C   1 
ATOM   359 O O   . ALA B 1 15 ? 6.122   2.293   3.747   1.00 15.75 ? 15 ALA B O   1 
ATOM   360 C CB  . ALA B 1 15 ? 6.220   5.468   4.704   1.00 13.75 ? 15 ALA B CB  1 
ATOM   361 N N   . ILE B 1 16 ? 5.286   3.747   2.245   1.00 14.54 ? 16 ILE B N   1 
ATOM   362 C CA  . ILE B 1 16 ? 4.426   2.706   1.641   1.00 14.60 ? 16 ILE B CA  1 
ATOM   363 C C   . ILE B 1 16 ? 5.238   1.537   1.051   1.00 14.72 ? 16 ILE B C   1 
ATOM   364 O O   . ILE B 1 16 ? 4.903   0.351   1.296   1.00 14.90 ? 16 ILE B O   1 
ATOM   365 C CB  . ILE B 1 16 ? 3.488   3.364   0.584   1.00 15.07 ? 16 ILE B CB  1 
ATOM   366 C CG1 . ILE B 1 16 ? 2.431   4.213   1.308   1.00 14.09 ? 16 ILE B CG1 1 
ATOM   367 C CG2 . ILE B 1 16 ? 2.816   2.268   -0.265  1.00 17.81 ? 16 ILE B CG2 1 
ATOM   368 C CD1 . ILE B 1 16 ? 1.750   5.254   0.398   1.00 16.34 ? 16 ILE B CD1 1 
ATOM   369 N N   . SER B 1 17 ? 6.319   1.864   0.342   1.00 14.85 ? 17 SER B N   1 
ATOM   370 C CA  . SER B 1 17 ? 7.158   0.817   -0.258  1.00 14.17 ? 17 SER B CA  1 
ATOM   371 C C   . SER B 1 17 ? 7.739   -0.044  0.852   1.00 14.77 ? 17 SER B C   1 
ATOM   372 O O   . SER B 1 17 ? 7.773   -1.265  0.724   1.00 14.98 ? 17 SER B O   1 
ATOM   373 C CB  . SER B 1 17 ? 8.275   1.442   -1.088  1.00 16.16 ? 17 SER B CB  1 
ATOM   374 O OG  . SER B 1 17 ? 9.185   0.451   -1.574  1.00 18.64 ? 17 SER B OG  1 
ATOM   375 N N   . SER B 1 18 ? 8.191   0.582   1.944   1.00 13.70 ? 18 SER B N   1 
ATOM   376 C CA  . SER B 1 18 ? 8.780   -0.183  3.070   1.00 13.90 ? 18 SER B CA  1 
ATOM   377 C C   . SER B 1 18 ? 7.757   -1.174  3.661   1.00 14.06 ? 18 SER B C   1 
ATOM   378 O O   . SER B 1 18 ? 8.076   -2.355  3.946   1.00 14.53 ? 18 SER B O   1 
ATOM   379 C CB  . SER B 1 18 ? 9.287   0.752   4.159   1.00 14.59 ? 18 SER B CB  1 
ATOM   380 O OG  . SER B 1 18 ? 10.045  0.074   5.130   1.00 19.78 ? 18 SER B OG  1 
ATOM   381 N N   . VAL B 1 19 ? 6.553   -0.663  3.899   1.00 13.33 ? 19 VAL B N   1 
ATOM   382 C CA  . VAL B 1 19 ? 5.482   -1.482  4.483   1.00 13.42 ? 19 VAL B CA  1 
ATOM   383 C C   . VAL B 1 19 ? 5.055   -2.593  3.536   1.00 14.30 ? 19 VAL B C   1 
ATOM   384 O O   . VAL B 1 19 ? 4.913   -3.754  3.966   1.00 13.65 ? 19 VAL B O   1 
ATOM   385 C CB  . VAL B 1 19 ? 4.286   -0.620  4.862   1.00 12.66 ? 19 VAL B CB  1 
ATOM   386 C CG1 . VAL B 1 19 ? 3.130   -1.530  5.424   1.00 12.82 ? 19 VAL B CG1 1 
ATOM   387 C CG2 . VAL B 1 19 ? 4.706   0.316   5.979   1.00 12.15 ? 19 VAL B CG2 1 
ATOM   388 N N   . LEU B 1 20 ? 4.895   -2.257  2.256   1.00 14.45 ? 20 LEU B N   1 
ATOM   389 C CA  . LEU B 1 20 ? 4.567   -3.287  1.228   1.00 13.94 ? 20 LEU B CA  1 
ATOM   390 C C   . LEU B 1 20 ? 5.613   -4.403  1.173   1.00 14.75 ? 20 LEU B C   1 
ATOM   391 O O   . LEU B 1 20 ? 5.267   -5.605  1.153   1.00 13.65 ? 20 LEU B O   1 
ATOM   392 C CB  . LEU B 1 20 ? 4.338   -2.697  -0.164  1.00 14.48 ? 20 LEU B CB  1 
ATOM   393 C CG  . LEU B 1 20 ? 3.015   -1.913  -0.251  1.00 14.75 ? 20 LEU B CG  1 
ATOM   394 C CD1 . LEU B 1 20 ? 2.957   -1.174  -1.568  1.00 12.53 ? 20 LEU B CD1 1 
ATOM   395 C CD2 . LEU B 1 20 ? 1.793   -2.824  -0.108  1.00 14.85 ? 20 LEU B CD2 1 
ATOM   396 N N   . ASN B 1 21 ? 6.882   -4.007  1.184   1.00 13.09 ? 21 ASN B N   1 
ATOM   397 C CA  . ASN B 1 21 ? 7.977   -4.995  1.172   1.00 14.56 ? 21 ASN B CA  1 
ATOM   398 C C   . ASN B 1 21 ? 7.900   -5.917  2.374   1.00 14.62 ? 21 ASN B C   1 
ATOM   399 O O   . ASN B 1 21 ? 8.097   -7.137  2.232   1.00 14.45 ? 21 ASN B O   1 
ATOM   400 C CB  . ASN B 1 21 ? 9.350   -4.308  1.152   1.00 15.12 ? 21 ASN B CB  1 
ATOM   401 C CG  . ASN B 1 21 ? 9.760   -3.859  -0.224  1.00 18.78 ? 21 ASN B CG  1 
ATOM   402 O OD1 . ASN B 1 21 ? 10.823  -3.257  -0.396  1.00 22.71 ? 21 ASN B OD1 1 
ATOM   403 N ND2 . ASN B 1 21 ? 8.948   -4.173  -1.218  1.00 20.06 ? 21 ASN B ND2 1 
ATOM   404 N N   . ASP B 1 22 ? 7.659   -5.351  3.564   1.00 13.77 ? 22 ASP B N   1 
ATOM   405 C CA  . ASP B 1 22 ? 7.548   -6.188  4.766   1.00 14.89 ? 22 ASP B CA  1 
ATOM   406 C C   . ASP B 1 22 ? 6.343   -7.125  4.642   1.00 13.40 ? 22 ASP B C   1 
ATOM   407 O O   . ASP B 1 22 ? 6.421   -8.311  4.999   1.00 14.10 ? 22 ASP B O   1 
ATOM   408 C CB  . ASP B 1 22 ? 7.407   -5.315  6.013   1.00 14.95 ? 22 ASP B CB  1 
ATOM   409 C CG  . ASP B 1 22 ? 7.286   -6.138  7.278   1.00 21.17 ? 22 ASP B CG  1 
ATOM   410 O OD1 . ASP B 1 22 ? 8.240   -6.900  7.548   1.00 24.56 ? 22 ASP B OD1 1 
ATOM   411 O OD2 . ASP B 1 22 ? 6.279   -6.098  8.050   1.00 27.63 ? 22 ASP B OD2 1 
ATOM   412 N N   . ILE B 1 23 ? 5.237   -6.607  4.131   1.00 12.46 ? 23 ILE B N   1 
ATOM   413 C CA  . ILE B 1 23 ? 4.061   -7.487  3.947   1.00 13.29 ? 23 ILE B CA  1 
ATOM   414 C C   . ILE B 1 23 ? 4.358   -8.638  2.977   1.00 13.56 ? 23 ILE B C   1 
ATOM   415 O O   . ILE B 1 23 ? 3.967   -9.811  3.235   1.00 13.47 ? 23 ILE B O   1 
ATOM   416 C CB  . ILE B 1 23 ? 2.830   -6.635  3.509   1.00 12.77 ? 23 ILE B CB  1 
ATOM   417 C CG1 . ILE B 1 23 ? 2.271   -5.874  4.719   1.00 12.97 ? 23 ILE B CG1 1 
ATOM   418 C CG2 . ILE B 1 23 ? 1.725   -7.510  2.912   1.00 13.41 ? 23 ILE B CG2 1 
ATOM   419 C CD1 . ILE B 1 23 ? 1.395   -4.687  4.282   1.00 15.06 ? 23 ILE B CD1 1 
ATOM   420 N N   . LEU B 1 24 ? 5.034   -8.317  1.880   1.00 13.65 ? 24 LEU B N   1 
ATOM   421 C CA  . LEU B 1 24 ? 5.266   -9.330  0.819   1.00 13.41 ? 24 LEU B CA  1 
ATOM   422 C C   . LEU B 1 24 ? 6.176   -10.409 1.343   1.00 13.90 ? 24 LEU B C   1 
ATOM   423 O O   . LEU B 1 24 ? 5.955   -11.612 1.102   1.00 13.65 ? 24 LEU B O   1 
ATOM   424 C CB  . LEU B 1 24 ? 5.829   -8.674  -0.446  1.00 13.48 ? 24 LEU B CB  1 
ATOM   425 C CG  . LEU B 1 24 ? 4.764   -7.870  -1.206  1.00 13.89 ? 24 LEU B CG  1 
ATOM   426 C CD1 . LEU B 1 24 ? 5.444   -6.911  -2.133  1.00 13.35 ? 24 LEU B CD1 1 
ATOM   427 C CD2 . LEU B 1 24 ? 3.782   -8.765  -1.980  1.00 15.43 ? 24 LEU B CD2 1 
ATOM   428 N N   . SER B 1 25 ? 7.166   -9.997  2.143   1.00 13.67 ? 25 SER B N   1 
ATOM   429 C CA  . SER B 1 25 ? 8.078   -10.953 2.737   1.00 14.17 ? 25 SER B CA  1 
ATOM   430 C C   . SER B 1 25 ? 7.349   -11.901 3.682   1.00 13.67 ? 25 SER B C   1 
ATOM   431 O O   . SER B 1 25 ? 7.564   -13.123 3.659   1.00 13.37 ? 25 SER B O   1 
ATOM   432 C CB  . SER B 1 25 ? 9.156   -10.202 3.493   1.00 14.61 ? 25 SER B CB  1 
ATOM   433 O OG  . SER B 1 25 ? 10.095  -9.715  2.570   1.00 21.67 ? 25 SER B OG  1 
ATOM   434 N N   . ARG B 1 26 ? 6.510   -11.322 4.525   1.00 13.21 ? 26 ARG B N   1 
ATOM   435 C CA  . ARG B 1 26 ? 5.719   -12.076 5.502   1.00 13.31 ? 26 ARG B CA  1 
ATOM   436 C C   . ARG B 1 26 ? 4.716   -13.004 4.803   1.00 13.58 ? 26 ARG B C   1 
ATOM   437 O O   . ARG B 1 26 ? 4.505   -14.155 5.211   1.00 14.19 ? 26 ARG B O   1 
ATOM   438 C CB  . ARG B 1 26 ? 5.013   -11.085 6.434   1.00 13.54 ? 26 ARG B CB  1 
ATOM   439 C CG  . ARG B 1 26 ? 5.971   -10.477 7.450   1.00 12.57 ? 26 ARG B CG  1 
ATOM   440 C CD  . ARG B 1 26 ? 5.349   -9.376  8.278   1.00 14.94 ? 26 ARG B CD  1 
ATOM   441 N NE  . ARG B 1 26 ? 4.358   -9.882  9.223   1.00 12.93 ? 26 ARG B NE  1 
ATOM   442 C CZ  . ARG B 1 26 ? 3.471   -9.112  9.849   1.00 14.40 ? 26 ARG B CZ  1 
ATOM   443 N NH1 . ARG B 1 26 ? 3.426   -7.794  9.595   1.00 16.81 ? 26 ARG B NH1 1 
ATOM   444 N NH2 . ARG B 1 26 ? 2.628   -9.659  10.702  1.00 14.45 ? 26 ARG B NH2 1 
ATOM   445 N N   . LEU B 1 27 ? 4.109   -12.504 3.750   1.00 13.09 ? 27 LEU B N   1 
ATOM   446 C CA  . LEU B 1 27 ? 3.131   -13.300 2.978   1.00 14.00 ? 27 LEU B CA  1 
ATOM   447 C C   . LEU B 1 27 ? 3.814   -14.471 2.310   1.00 13.50 ? 27 LEU B C   1 
ATOM   448 O O   . LEU B 1 27 ? 3.292   -15.583 2.338   1.00 12.60 ? 27 LEU B O   1 
ATOM   449 C CB  . LEU B 1 27 ? 2.454   -12.416 1.939   1.00 14.37 ? 27 LEU B CB  1 
ATOM   450 C CG  . LEU B 1 27 ? 1.311   -12.953 1.077   1.00 15.82 ? 27 LEU B CG  1 
ATOM   451 C CD1 . LEU B 1 27 ? 0.160   -13.620 1.890   1.00 17.35 ? 27 LEU B CD1 1 
ATOM   452 C CD2 . LEU B 1 27 ? 0.775   -11.827 0.205   1.00 16.44 ? 27 LEU B CD2 1 
ATOM   453 N N   . ASP B 1 28 ? 4.980   -14.235 1.740   1.00 13.61 ? 28 ASP B N   1 
ATOM   454 C CA  . ASP B 1 28 ? 5.771   -15.330 1.145   1.00 13.67 ? 28 ASP B CA  1 
ATOM   455 C C   . ASP B 1 28 ? 5.991   -16.453 2.173   1.00 14.26 ? 28 ASP B C   1 
ATOM   456 O O   . ASP B 1 28 ? 5.864   -17.664 1.854   1.00 13.33 ? 28 ASP B O   1 
ATOM   457 C CB  . ASP B 1 28 ? 7.130   -14.847 0.691   1.00 13.91 ? 28 ASP B CB  1 
ATOM   458 C CG  . ASP B 1 28 ? 7.084   -14.006 -0.583  1.00 16.82 ? 28 ASP B CG  1 
ATOM   459 O OD1 . ASP B 1 28 ? 6.090   -14.034 -1.335  1.00 18.63 ? 28 ASP B OD1 1 
ATOM   460 O OD2 . ASP B 1 28 ? 8.048   -13.279 -0.909  1.00 18.00 ? 28 ASP B OD2 1 
ATOM   461 N N   . LYS B 1 29 ? 6.380   -16.073 3.390   1.00 14.10 ? 29 LYS B N   1 
ATOM   462 C CA  . LYS B 1 29 ? 6.639   -17.094 4.429   1.00 14.27 ? 29 LYS B CA  1 
ATOM   463 C C   . LYS B 1 29 ? 5.377   -17.847 4.821   1.00 13.81 ? 29 LYS B C   1 
ATOM   464 O O   . LYS B 1 29 ? 5.398   -19.068 4.926   1.00 13.34 ? 29 LYS B O   1 
ATOM   465 C CB  . LYS B 1 29 ? 7.354   -16.496 5.660   1.00 14.64 ? 29 LYS B CB  1 
ATOM   466 C CG  . LYS B 1 29 ? 8.596   -15.655 5.302   1.00 20.40 ? 29 LYS B CG  1 
ATOM   467 C CD  . LYS B 1 29 ? 9.858   -16.079 5.989   1.00 27.46 ? 29 LYS B CD  1 
ATOM   468 C CE  . LYS B 1 29 ? 10.826  -16.769 5.011   1.00 30.65 ? 29 LYS B CE  1 
ATOM   469 N NZ  . LYS B 1 29 ? 11.809  -17.680 5.702   1.00 29.85 ? 29 LYS B NZ  1 
ATOM   470 N N   . VAL B 1 30 ? 4.265   -17.148 5.043   1.00 12.69 ? 30 VAL B N   1 
ATOM   471 C CA  . VAL B 1 30 ? 3.035   -17.872 5.401   1.00 12.53 ? 30 VAL B CA  1 
ATOM   472 C C   . VAL B 1 30 ? 2.593   -18.794 4.291   1.00 12.77 ? 30 VAL B C   1 
ATOM   473 O O   . VAL B 1 30 ? 2.078   -19.858 4.566   1.00 12.93 ? 30 VAL B O   1 
ATOM   474 C CB  . VAL B 1 30 ? 1.900   -16.930 5.764   1.00 14.11 ? 30 VAL B CB  1 
ATOM   475 C CG1 . VAL B 1 30 ? 0.625   -17.678 5.975   1.00 16.00 ? 30 VAL B CG1 1 
ATOM   476 C CG2 . VAL B 1 30 ? 2.276   -16.174 7.069   1.00 14.08 ? 30 VAL B CG2 1 
ATOM   477 N N   . GLU B 1 31 ? 2.731   -18.365 3.036   1.00 12.49 ? 31 GLU B N   1 
ATOM   478 C CA  . GLU B 1 31 ? 2.315   -19.247 1.930   1.00 11.66 ? 31 GLU B CA  1 
ATOM   479 C C   . GLU B 1 31 ? 3.116   -20.548 1.958   1.00 11.85 ? 31 GLU B C   1 
ATOM   480 O O   . GLU B 1 31 ? 2.610   -21.639 1.645   1.00 13.44 ? 31 GLU B O   1 
ATOM   481 C CB  . GLU B 1 31 ? 2.558   -18.525 0.599   1.00 10.27 ? 31 GLU B CB  1 
ATOM   482 C CG  . GLU B 1 31 ? 1.461   -17.514 0.347   1.00 13.64 ? 31 GLU B CG  1 
ATOM   483 C CD  . GLU B 1 31 ? 1.694   -16.683 -0.898  1.00 13.09 ? 31 GLU B CD  1 
ATOM   484 O OE1 . GLU B 1 31 ? 2.838   -16.681 -1.437  1.00 14.82 ? 31 GLU B OE1 1 
ATOM   485 O OE2 . GLU B 1 31 ? 0.704   -16.069 -1.361  1.00 13.44 ? 31 GLU B OE2 1 
ATOM   486 N N   . ALA B 1 32 ? 4.375   -20.430 2.353   1.00 12.61 ? 32 ALA B N   1 
ATOM   487 C CA  . ALA B 1 32 ? 5.251   -21.583 2.482   1.00 13.11 ? 32 ALA B CA  1 
ATOM   488 C C   . ALA B 1 32 ? 4.925   -22.455 3.690   1.00 13.43 ? 32 ALA B C   1 
ATOM   489 O O   . ALA B 1 32 ? 5.340   -23.623 3.734   1.00 15.71 ? 32 ALA B O   1 
ATOM   490 C CB  . ALA B 1 32 ? 6.703   -21.134 2.546   1.00 12.56 ? 32 ALA B CB  1 
ATOM   491 N N   . GLU B 1 33 ? 4.203   -21.909 4.662   1.00 14.21 ? 33 GLU B N   1 
ATOM   492 C CA  . GLU B 1 33 ? 3.920   -22.624 5.905   1.00 15.28 ? 33 GLU B CA  1 
ATOM   493 C C   . GLU B 1 33 ? 2.528   -23.265 5.983   1.00 15.43 ? 33 GLU B C   1 
ATOM   494 O O   . GLU B 1 33 ? 2.276   -24.103 6.859   1.00 15.69 ? 33 GLU B O   1 
ATOM   495 C CB  . GLU B 1 33 ? 4.136   -21.668 7.067   1.00 15.25 ? 33 GLU B CB  1 
ATOM   496 C CG  . GLU B 1 33 ? 5.594   -21.276 7.228   1.00 19.55 ? 33 GLU B CG  1 
ATOM   497 C CD  . GLU B 1 33 ? 5.794   -20.023 8.076   1.00 25.78 ? 33 GLU B CD  1 
ATOM   498 O OE1 . GLU B 1 33 ? 4.881   -19.160 8.153   1.00 26.56 ? 33 GLU B OE1 1 
ATOM   499 O OE2 . GLU B 1 33 ? 6.890   -19.883 8.670   1.00 28.70 ? 33 GLU B OE2 1 
ATOM   500 N N   . VAL B 1 34 ? 1.632   -22.909 5.066   1.00 16.42 ? 34 VAL B N   1 
ATOM   501 C CA  . VAL B 1 34 ? 0.286   -23.522 5.079   1.00 18.10 ? 34 VAL B CA  1 
ATOM   502 C C   . VAL B 1 34 ? 0.253   -24.958 4.549   1.00 17.66 ? 34 VAL B C   1 
ATOM   503 O O   . VAL B 1 34 ? -0.649  -25.715 4.930   1.00 17.79 ? 34 VAL B O   1 
ATOM   504 C CB  . VAL B 1 34 ? -0.813  -22.656 4.368   1.00 18.62 ? 34 VAL B CB  1 
ATOM   505 C CG1 . VAL B 1 34 ? -1.138  -21.422 5.161   1.00 20.40 ? 34 VAL B CG1 1 
ATOM   506 C CG2 . VAL B 1 34 ? -0.381  -22.264 2.973   1.00 18.65 ? 34 VAL B CG2 1 
ATOM   507 O OXT . VAL B 1 34 ? 1.102   -25.410 3.763   1.00 17.89 ? 34 VAL B OXT 1 
ATOM   508 N N   . ALA C 1 1  ? -7.336  23.355  -8.575  1.00 25.31 ? 1  ALA C N   1 
ATOM   509 C CA  . ALA C 1 1  ? -6.006  23.936  -8.205  1.00 23.95 ? 1  ALA C CA  1 
ATOM   510 C C   . ALA C 1 1  ? -5.292  23.084  -7.143  1.00 22.94 ? 1  ALA C C   1 
ATOM   511 O O   . ALA C 1 1  ? -5.633  21.900  -6.937  1.00 22.96 ? 1  ALA C O   1 
ATOM   512 C CB  . ALA C 1 1  ? -6.167  25.409  -7.749  1.00 24.13 ? 1  ALA C CB  1 
ATOM   513 N N   . LEU C 1 2  ? -4.301  23.673  -6.467  1.00 21.71 ? 2  LEU C N   1 
ATOM   514 C CA  . LEU C 1 2  ? -3.507  22.921  -5.511  1.00 19.82 ? 2  LEU C CA  1 
ATOM   515 C C   . LEU C 1 2  ? -4.370  22.338  -4.407  1.00 18.54 ? 2  LEU C C   1 
ATOM   516 O O   . LEU C 1 2  ? -4.149  21.214  -3.993  1.00 16.94 ? 2  LEU C O   1 
ATOM   517 C CB  . LEU C 1 2  ? -2.403  23.787  -4.907  1.00 20.82 ? 2  LEU C CB  1 
ATOM   518 C CG  . LEU C 1 2  ? -1.100  23.165  -4.408  1.00 23.07 ? 2  LEU C CG  1 
ATOM   519 C CD1 . LEU C 1 2  ? -0.610  21.957  -5.220  1.00 23.29 ? 2  LEU C CD1 1 
ATOM   520 C CD2 . LEU C 1 2  ? -0.039  24.259  -4.384  1.00 22.15 ? 2  LEU C CD2 1 
ATOM   521 N N   . ASN C 1 3  ? -5.340  23.110  -3.925  1.00 17.37 ? 3  ASN C N   1 
ATOM   522 C CA  . ASN C 1 3  ? -6.197  22.646  -2.843  1.00 17.20 ? 3  ASN C CA  1 
ATOM   523 C C   . ASN C 1 3  ? -6.945  21.340  -3.197  1.00 16.09 ? 3  ASN C C   1 
ATOM   524 O O   . ASN C 1 3  ? -7.009  20.451  -2.367  1.00 16.10 ? 3  ASN C O   1 
ATOM   525 C CB  . ASN C 1 3  ? -7.123  23.766  -2.338  1.00 18.60 ? 3  ASN C CB  1 
ATOM   526 C CG  . ASN C 1 3  ? -8.244  24.092  -3.296  1.00 22.03 ? 3  ASN C CG  1 
ATOM   527 O OD1 . ASN C 1 3  ? -8.087  24.035  -4.533  1.00 28.30 ? 3  ASN C OD1 1 
ATOM   528 N ND2 . ASN C 1 3  ? -9.395  24.473  -2.732  1.00 27.79 ? 3  ASN C ND2 1 
ATOM   529 N N   . THR C 1 4  ? -7.433  21.234  -4.441  1.00 14.53 ? 4  THR C N   1 
ATOM   530 C CA  . THR C 1 4  ? -8.084  20.032  -4.955  1.00 13.44 ? 4  THR C CA  1 
ATOM   531 C C   . THR C 1 4  ? -7.098  18.876  -4.940  1.00 11.93 ? 4  THR C C   1 
ATOM   532 O O   . THR C 1 4  ? -7.420  17.789  -4.465  1.00 12.10 ? 4  THR C O   1 
ATOM   533 C CB  . THR C 1 4  ? -8.553  20.300  -6.379  1.00 14.63 ? 4  THR C CB  1 
ATOM   534 O OG1 . THR C 1 4  ? -9.560  21.323  -6.341  1.00 15.66 ? 4  THR C OG1 1 
ATOM   535 C CG2 . THR C 1 4  ? -9.275  19.107  -6.953  1.00 15.73 ? 4  THR C CG2 1 
ATOM   536 N N   . LEU C 1 5  ? -5.889  19.110  -5.447  1.00 11.17 ? 5  LEU C N   1 
ATOM   537 C CA  . LEU C 1 5  ? -4.915  18.024  -5.488  1.00 11.08 ? 5  LEU C CA  1 
ATOM   538 C C   . LEU C 1 5  ? -4.579  17.502  -4.086  1.00 11.33 ? 5  LEU C C   1 
ATOM   539 O O   . LEU C 1 5  ? -4.530  16.299  -3.861  1.00 11.41 ? 5  LEU C O   1 
ATOM   540 C CB  . LEU C 1 5  ? -3.674  18.488  -6.259  1.00 11.93 ? 5  LEU C CB  1 
ATOM   541 C CG  . LEU C 1 5  ? -2.536  17.462  -6.291  1.00 10.94 ? 5  LEU C CG  1 
ATOM   542 C CD1 . LEU C 1 5  ? -2.907  16.196  -7.039  1.00 14.88 ? 5  LEU C CD1 1 
ATOM   543 C CD2 . LEU C 1 5  ? -1.336  18.169  -6.924  1.00 12.07 ? 5  LEU C CD2 1 
ATOM   544 N N   . VAL C 1 6  ? -4.341  18.414  -3.160  1.00 12.01 ? 6  VAL C N   1 
ATOM   545 C CA  . VAL C 1 6  ? -3.976  18.020  -1.804  1.00 12.95 ? 6  VAL C CA  1 
ATOM   546 C C   . VAL C 1 6  ? -5.091  17.222  -1.152  1.00 12.06 ? 6  VAL C C   1 
ATOM   547 O O   . VAL C 1 6  ? -4.807  16.245  -0.450  1.00 13.46 ? 6  VAL C O   1 
ATOM   548 C CB  . VAL C 1 6  ? -3.575  19.229  -0.944  1.00 13.15 ? 6  VAL C CB  1 
ATOM   549 C CG1 . VAL C 1 6  ? -3.475  18.837  0.541   1.00 15.15 ? 6  VAL C CG1 1 
ATOM   550 C CG2 . VAL C 1 6  ? -2.261  19.778  -1.441  1.00 14.63 ? 6  VAL C CG2 1 
ATOM   551 N N   . LYS C 1 7  ? -6.348  17.616  -1.379  1.00 11.73 ? 7  LYS C N   1 
ATOM   552 C CA  . LYS C 1 7  ? -7.489  16.861  -0.804  1.00 12.68 ? 7  LYS C CA  1 
ATOM   553 C C   . LYS C 1 7  ? -7.548  15.470  -1.387  1.00 12.57 ? 7  LYS C C   1 
ATOM   554 O O   . LYS C 1 7  ? -7.801  14.504  -0.668  1.00 13.33 ? 7  LYS C O   1 
ATOM   555 C CB  . LYS C 1 7  ? -8.823  17.575  -1.034  1.00 12.89 ? 7  LYS C CB  1 
ATOM   556 C CG  . LYS C 1 7  ? -8.904  18.860  -0.275  1.00 15.58 ? 7  LYS C CG  1 
ATOM   557 C CD  . LYS C 1 7  ? -10.301 19.482  -0.320  1.00 18.81 ? 7  LYS C CD  1 
ATOM   558 C CE  . LYS C 1 7  ? -10.368 20.725  0.567   1.00 22.18 ? 7  LYS C CE  1 
ATOM   559 N NZ  . LYS C 1 7  ? -11.642 21.511  0.452   1.00 25.34 ? 7  LYS C NZ  1 
ATOM   560 N N   . GLN C 1 8  ? -7.314  15.374  -2.699  1.00 11.82 ? 8  GLN C N   1 
ATOM   561 C CA  . GLN C 1 8  ? -7.329  14.053  -3.364  1.00 10.77 ? 8  GLN C CA  1 
ATOM   562 C C   . GLN C 1 8  ? -6.228  13.171  -2.830  1.00 12.22 ? 8  GLN C C   1 
ATOM   563 O O   . GLN C 1 8  ? -6.456  11.967  -2.613  1.00 12.17 ? 8  GLN C O   1 
ATOM   564 C CB  . GLN C 1 8  ? -7.156  14.221  -4.877  1.00 11.15 ? 8  GLN C CB  1 
ATOM   565 C CG  . GLN C 1 8  ? -8.384  14.834  -5.515  1.00 9.94  ? 8  GLN C CG  1 
ATOM   566 C CD  . GLN C 1 8  ? -8.158  15.239  -6.966  1.00 12.73 ? 8  GLN C CD  1 
ATOM   567 O OE1 . GLN C 1 8  ? -7.018  15.358  -7.406  1.00 14.14 ? 8  GLN C OE1 1 
ATOM   568 N NE2 . GLN C 1 8  ? -9.224  15.491  -7.683  1.00 8.82  ? 8  GLN C NE2 1 
ATOM   569 N N   . LEU C 1 9  ? -5.046  13.753  -2.644  1.00 12.46 ? 9  LEU C N   1 
ATOM   570 C CA  . LEU C 1 9  ? -3.903  12.981  -2.147  1.00 12.33 ? 9  LEU C CA  1 
ATOM   571 C C   . LEU C 1 9  ? -4.189  12.531  -0.736  1.00 13.26 ? 9  LEU C C   1 
ATOM   572 O O   . LEU C 1 9  ? -3.917  11.371  -0.354  1.00 13.90 ? 9  LEU C O   1 
ATOM   573 C CB  . LEU C 1 9  ? -2.629  13.837  -2.126  1.00 11.90 ? 9  LEU C CB  1 
ATOM   574 C CG  . LEU C 1 9  ? -2.165  14.144  -3.549  1.00 11.88 ? 9  LEU C CG  1 
ATOM   575 C CD1 . LEU C 1 9  ? -1.137  15.284  -3.533  1.00 11.44 ? 9  LEU C CD1 1 
ATOM   576 C CD2 . LEU C 1 9  ? -1.604  12.890  -4.201  1.00 13.97 ? 9  LEU C CD2 1 
ATOM   577 N N   . SER C 1 10 ? -4.722  13.451  0.067   1.00 12.86 ? 10 SER C N   1 
ATOM   578 C CA  . SER C 1 10 ? -5.044  13.102  1.472   1.00 14.48 ? 10 SER C CA  1 
ATOM   579 C C   . SER C 1 10 ? -6.007  11.911  1.539   1.00 13.92 ? 10 SER C C   1 
ATOM   580 O O   . SER C 1 10 ? -5.839  10.958  2.350   1.00 14.41 ? 10 SER C O   1 
ATOM   581 C CB  . SER C 1 10 ? -5.640  14.300  2.194   1.00 16.17 ? 10 SER C CB  1 
ATOM   582 O OG  . SER C 1 10 ? -4.649  15.285  2.452   1.00 23.33 ? 10 SER C OG  1 
ATOM   583 N N   . SER C 1 11 ? -6.996  11.919  0.644   1.00 13.25 ? 11 SER C N   1 
ATOM   584 C CA  . SER C 1 11 ? -7.978  10.866  0.613   1.00 13.74 ? 11 SER C CA  1 
ATOM   585 C C   . SER C 1 11 ? -7.318  9.559   0.185   1.00 14.08 ? 11 SER C C   1 
ATOM   586 O O   . SER C 1 11 ? -7.602  8.504   0.772   1.00 14.70 ? 11 SER C O   1 
ATOM   587 C CB  . SER C 1 11 ? -9.116  11.222  -0.338  1.00 15.08 ? 11 SER C CB  1 
ATOM   588 O OG  . SER C 1 11 ? -10.103 10.198  -0.331  1.00 17.26 ? 11 SER C OG  1 
ATOM   589 N N   . ASN C 1 12 ? -6.487  9.629   -0.857  1.00 13.79 ? 12 ASN C N   1 
ATOM   590 C CA  . ASN C 1 12 ? -5.777  8.431   -1.348  1.00 13.84 ? 12 ASN C CA  1 
ATOM   591 C C   . ASN C 1 12 ? -4.919  7.815   -0.243  1.00 15.00 ? 12 ASN C C   1 
ATOM   592 O O   . ASN C 1 12 ? -4.940  6.578   -0.040  1.00 16.14 ? 12 ASN C O   1 
ATOM   593 C CB  . ASN C 1 12 ? -4.882  8.757   -2.542  1.00 13.39 ? 12 ASN C CB  1 
ATOM   594 C CG  . ASN C 1 12 ? -5.668  9.023   -3.835  1.00 16.37 ? 12 ASN C CG  1 
ATOM   595 O OD1 . ASN C 1 12 ? -6.897  8.964   -3.871  1.00 19.69 ? 12 ASN C OD1 1 
ATOM   596 N ND2 . ASN C 1 12 ? -4.931  9.310   -4.917  1.00 19.58 ? 12 ASN C ND2 1 
ATOM   597 N N   . PHE C 1 13 ? -4.155  8.653   0.452   1.00 14.54 ? 13 PHE C N   1 
ATOM   598 C CA  . PHE C 1 13 ? -3.254  8.147   1.501   1.00 15.40 ? 13 PHE C CA  1 
ATOM   599 C C   . PHE C 1 13 ? -4.041  7.594   2.684   1.00 15.68 ? 13 PHE C C   1 
ATOM   600 O O   . PHE C 1 13 ? -3.647  6.594   3.271   1.00 15.90 ? 13 PHE C O   1 
ATOM   601 C CB  . PHE C 1 13 ? -2.229  9.178   1.951   1.00 15.61 ? 13 PHE C CB  1 
ATOM   602 C CG  . PHE C 1 13 ? -1.183  9.465   0.921   1.00 13.77 ? 13 PHE C CG  1 
ATOM   603 C CD1 . PHE C 1 13 ? -0.356  8.448   0.429   1.00 12.77 ? 13 PHE C CD1 1 
ATOM   604 C CD2 . PHE C 1 13 ? -0.996  10.749  0.454   1.00 10.78 ? 13 PHE C CD2 1 
ATOM   605 C CE1 . PHE C 1 13 ? 0.624   8.711   -0.541  1.00 9.85  ? 13 PHE C CE1 1 
ATOM   606 C CE2 . PHE C 1 13 ? -0.058  11.011  -0.531  1.00 11.13 ? 13 PHE C CE2 1 
ATOM   607 C CZ  . PHE C 1 13 ? 0.790   10.027  -1.013  1.00 12.23 ? 13 PHE C CZ  1 
ATOM   608 N N   . GLY C 1 14 ? -5.176  8.211   3.033   1.00 14.77 ? 14 GLY C N   1 
ATOM   609 C CA  . GLY C 1 14 ? -6.005  7.626   4.079   1.00 15.71 ? 14 GLY C CA  1 
ATOM   610 C C   . GLY C 1 14 ? -6.516  6.243   3.749   1.00 15.83 ? 14 GLY C C   1 
ATOM   611 O O   . GLY C 1 14 ? -6.570  5.343   4.624   1.00 15.56 ? 14 GLY C O   1 
ATOM   612 N N   . ALA C 1 15 ? -6.911  6.050   2.495   1.00 15.51 ? 15 ALA C N   1 
ATOM   613 C CA  . ALA C 1 15 ? -7.442  4.755   2.065   1.00 15.28 ? 15 ALA C CA  1 
ATOM   614 C C   . ALA C 1 15 ? -6.326  3.721   2.087   1.00 15.76 ? 15 ALA C C   1 
ATOM   615 O O   . ALA C 1 15 ? -6.540  2.592   2.518   1.00 14.45 ? 15 ALA C O   1 
ATOM   616 C CB  . ALA C 1 15 ? -8.074  4.830   0.689   1.00 15.66 ? 15 ALA C CB  1 
ATOM   617 N N   . ILE C 1 16 ? -5.150  4.101   1.601   1.00 16.11 ? 16 ILE C N   1 
ATOM   618 C CA  . ILE C 1 16 ? -3.995  3.179   1.624   1.00 15.55 ? 16 ILE C CA  1 
ATOM   619 C C   . ILE C 1 16 ? -3.635  2.792   3.062   1.00 15.71 ? 16 ILE C C   1 
ATOM   620 O O   . ILE C 1 16 ? -3.448  1.590   3.329   1.00 15.71 ? 16 ILE C O   1 
ATOM   621 C CB  . ILE C 1 16 ? -2.784  3.782   0.873   1.00 14.54 ? 16 ILE C CB  1 
ATOM   622 C CG1 . ILE C 1 16 ? -3.062  3.872   -0.643  1.00 14.42 ? 16 ILE C CG1 1 
ATOM   623 C CG2 . ILE C 1 16 ? -1.514  2.935   1.143   1.00 15.70 ? 16 ILE C CG2 1 
ATOM   624 C CD1 . ILE C 1 16 ? -2.115  4.878   -1.398  1.00 16.04 ? 16 ILE C CD1 1 
ATOM   625 N N   . SER C 1 17 ? -3.655  3.746   3.992   1.00 15.13 ? 17 SER C N   1 
ATOM   626 C CA  . SER C 1 17 ? -3.344  3.411   5.391   1.00 15.52 ? 17 SER C CA  1 
ATOM   627 C C   . SER C 1 17 ? -4.375  2.422   5.912   1.00 15.28 ? 17 SER C C   1 
ATOM   628 O O   . SER C 1 17 ? -4.013  1.449   6.567   1.00 15.14 ? 17 SER C O   1 
ATOM   629 C CB  . SER C 1 17 ? -3.317  4.649   6.279   1.00 14.77 ? 17 SER C CB  1 
ATOM   630 O OG  . SER C 1 17 ? -3.158  4.337   7.693   1.00 15.29 ? 17 SER C OG  1 
ATOM   631 N N   . SER C 1 18 ? -5.657  2.677   5.624   1.00 14.86 ? 18 SER C N   1 
ATOM   632 C CA  . SER C 1 18 ? -6.701  1.751   6.103   1.00 14.92 ? 18 SER C CA  1 
ATOM   633 C C   . SER C 1 18 ? -6.485  0.322   5.586   1.00 14.49 ? 18 SER C C   1 
ATOM   634 O O   . SER C 1 18 ? -6.663  -0.653  6.322   1.00 14.65 ? 18 SER C O   1 
ATOM   635 C CB  . SER C 1 18 ? -8.086  2.263   5.708   1.00 14.93 ? 18 SER C CB  1 
ATOM   636 O OG  . SER C 1 18 ? -9.086  1.368   6.129   1.00 20.65 ? 18 SER C OG  1 
ATOM   637 N N   . VAL C 1 19 ? -6.205  0.197   4.297   1.00 14.21 ? 19 VAL C N   1 
ATOM   638 C CA  . VAL C 1 19 ? -6.023  -1.118  3.683   1.00 14.84 ? 19 VAL C CA  1 
ATOM   639 C C   . VAL C 1 19 ? -4.780  -1.812  4.221   1.00 14.79 ? 19 VAL C C   1 
ATOM   640 O O   . VAL C 1 19 ? -4.808  -3.028  4.499   1.00 15.30 ? 19 VAL C O   1 
ATOM   641 C CB  . VAL C 1 19 ? -5.917  -1.000  2.140   1.00 14.29 ? 19 VAL C CB  1 
ATOM   642 C CG1 . VAL C 1 19 ? -5.624  -2.382  1.493   1.00 15.01 ? 19 VAL C CG1 1 
ATOM   643 C CG2 . VAL C 1 19 ? -7.241  -0.514  1.548   1.00 12.64 ? 19 VAL C CG2 1 
ATOM   644 N N   . LEU C 1 20 ? -3.695  -1.057  4.357   1.00 15.07 ? 20 LEU C N   1 
ATOM   645 C CA  . LEU C 1 20 ? -2.443  -1.616  4.927   1.00 15.01 ? 20 LEU C CA  1 
ATOM   646 C C   . LEU C 1 20 ? -2.680  -2.134  6.356   1.00 14.52 ? 20 LEU C C   1 
ATOM   647 O O   . LEU C 1 20 ? -2.232  -3.242  6.741   1.00 13.10 ? 20 LEU C O   1 
ATOM   648 C CB  . LEU C 1 20 ? -1.299  -0.595  4.908   1.00 14.22 ? 20 LEU C CB  1 
ATOM   649 C CG  . LEU C 1 20 ? -0.724  -0.274  3.494   1.00 13.02 ? 20 LEU C CG  1 
ATOM   650 C CD1 . LEU C 1 20 ? 0.334   0.800   3.582   1.00 13.18 ? 20 LEU C CD1 1 
ATOM   651 C CD2 . LEU C 1 20 ? -0.094  -1.534  2.896   1.00 15.86 ? 20 LEU C CD2 1 
ATOM   652 N N   . ASN C 1 21 ? -3.377  -1.330  7.153   1.00 12.63 ? 21 ASN C N   1 
ATOM   653 C CA  . ASN C 1 21 ? -3.694  -1.718  8.524   1.00 14.10 ? 21 ASN C CA  1 
ATOM   654 C C   . ASN C 1 21 ? -4.508  -3.010  8.548   1.00 14.02 ? 21 ASN C C   1 
ATOM   655 O O   . ASN C 1 21 ? -4.238  -3.903  9.371   1.00 15.07 ? 21 ASN C O   1 
ATOM   656 C CB  . ASN C 1 21 ? -4.437  -0.602  9.242   1.00 15.08 ? 21 ASN C CB  1 
ATOM   657 C CG  . ASN C 1 21 ? -3.528  0.508   9.701   1.00 17.59 ? 21 ASN C CG  1 
ATOM   658 O OD1 . ASN C 1 21 ? -2.316  0.488   9.472   1.00 18.67 ? 21 ASN C OD1 1 
ATOM   659 N ND2 . ASN C 1 21 ? -4.111  1.482   10.383  1.00 18.07 ? 21 ASN C ND2 1 
ATOM   660 N N   . ASP C 1 22 ? -5.476  -3.135  7.637   1.00 13.53 ? 22 ASP C N   1 
ATOM   661 C CA  . ASP C 1 22 ? -6.310  -4.346  7.589   1.00 14.08 ? 22 ASP C CA  1 
ATOM   662 C C   . ASP C 1 22 ? -5.447  -5.545  7.211   1.00 13.52 ? 22 ASP C C   1 
ATOM   663 O O   . ASP C 1 22 ? -5.536  -6.615  7.826   1.00 13.14 ? 22 ASP C O   1 
ATOM   664 C CB  . ASP C 1 22 ? -7.447  -4.140  6.591   1.00 13.66 ? 22 ASP C CB  1 
ATOM   665 C CG  . ASP C 1 22 ? -8.319  -5.352  6.458   1.00 17.61 ? 22 ASP C CG  1 
ATOM   666 O OD1 . ASP C 1 22 ? -9.022  -5.697  7.440   1.00 23.19 ? 22 ASP C OD1 1 
ATOM   667 O OD2 . ASP C 1 22 ? -8.358  -6.017  5.396   1.00 21.68 ? 22 ASP C OD2 1 
ATOM   668 N N   . ILE C 1 23 ? -4.593  -5.368  6.205   1.00 12.84 ? 23 ILE C N   1 
ATOM   669 C CA  . ILE C 1 23 ? -3.685  -6.456  5.812   1.00 13.48 ? 23 ILE C CA  1 
ATOM   670 C C   . ILE C 1 23 ? -2.752  -6.855  6.973   1.00 13.97 ? 23 ILE C C   1 
ATOM   671 O O   . ILE C 1 23 ? -2.535  -8.053  7.213   1.00 15.15 ? 23 ILE C O   1 
ATOM   672 C CB  . ILE C 1 23 ? -2.879  -6.037  4.582   1.00 12.96 ? 23 ILE C CB  1 
ATOM   673 C CG1 . ILE C 1 23 ? -3.793  -6.051  3.342   1.00 12.83 ? 23 ILE C CG1 1 
ATOM   674 C CG2 . ILE C 1 23 ? -1.675  -6.984  4.384   1.00 13.42 ? 23 ILE C CG2 1 
ATOM   675 C CD1 . ILE C 1 23 ? -3.206  -5.218  2.180   1.00 13.53 ? 23 ILE C CD1 1 
ATOM   676 N N   . LEU C 1 24 ? -2.205  -5.882  7.691   1.00 13.52 ? 24 LEU C N   1 
ATOM   677 C CA  . LEU C 1 24 ? -1.218  -6.204  8.736   1.00 13.14 ? 24 LEU C CA  1 
ATOM   678 C C   . LEU C 1 24 ? -1.892  -6.995  9.828   1.00 12.72 ? 24 LEU C C   1 
ATOM   679 O O   . LEU C 1 24 ? -1.332  -7.978  10.330  1.00 11.37 ? 24 LEU C O   1 
ATOM   680 C CB  . LEU C 1 24 ? -0.587  -4.950  9.307   1.00 12.31 ? 24 LEU C CB  1 
ATOM   681 C CG  . LEU C 1 24 ? 0.378   -4.333  8.287   1.00 13.51 ? 24 LEU C CG  1 
ATOM   682 C CD1 . LEU C 1 24 ? 0.637   -2.881  8.652   1.00 13.10 ? 24 LEU C CD1 1 
ATOM   683 C CD2 . LEU C 1 24 ? 1.697   -5.114  8.253   1.00 13.70 ? 24 LEU C CD2 1 
ATOM   684 N N   . SER C 1 25 ? -3.107  -6.549  10.154  1.00 13.59 ? 25 SER C N   1 
ATOM   685 C CA  . SER C 1 25 ? -3.934  -7.194  11.179  1.00 13.58 ? 25 SER C CA  1 
ATOM   686 C C   . SER C 1 25 ? -4.226  -8.627  10.826  1.00 12.91 ? 25 SER C C   1 
ATOM   687 O O   . SER C 1 25 ? -4.119  -9.514  11.676  1.00 12.93 ? 25 SER C O   1 
ATOM   688 C CB  . SER C 1 25 ? -5.242  -6.433  11.306  1.00 14.48 ? 25 SER C CB  1 
ATOM   689 O OG  . SER C 1 25 ? -5.001  -5.285  12.096  1.00 21.54 ? 25 SER C OG  1 
ATOM   690 N N   . ARG C 1 26 ? -4.571  -8.857  9.560   1.00 12.30 ? 26 ARG C N   1 
ATOM   691 C CA  . ARG C 1 26 ? -4.921  -10.195 9.065   1.00 12.90 ? 26 ARG C CA  1 
ATOM   692 C C   . ARG C 1 26 ? -3.698  -11.090 8.970   1.00 12.88 ? 26 ARG C C   1 
ATOM   693 O O   . ARG C 1 26 ? -3.759  -12.275 9.308   1.00 12.77 ? 26 ARG C O   1 
ATOM   694 C CB  . ARG C 1 26 ? -5.646  -10.109 7.716   1.00 14.26 ? 26 ARG C CB  1 
ATOM   695 C CG  . ARG C 1 26 ? -7.053  -9.499  7.834   1.00 14.19 ? 26 ARG C CG  1 
ATOM   696 C CD  . ARG C 1 26 ? -7.606  -9.073  6.531   1.00 16.81 ? 26 ARG C CD  1 
ATOM   697 N NE  . ARG C 1 26 ? -7.817  -10.195 5.616   1.00 14.88 ? 26 ARG C NE  1 
ATOM   698 C CZ  . ARG C 1 26 ? -8.099  -10.061 4.327   1.00 17.49 ? 26 ARG C CZ  1 
ATOM   699 N NH1 . ARG C 1 26 ? -8.210  -8.837  3.784   1.00 18.63 ? 26 ARG C NH1 1 
ATOM   700 N NH2 . ARG C 1 26 ? -8.265  -11.142 3.587   1.00 17.93 ? 26 ARG C NH2 1 
ATOM   701 N N   . LEU C 1 27 ? -2.578  -10.504 8.572   1.00 12.25 ? 27 LEU C N   1 
ATOM   702 C CA  . LEU C 1 27 ? -1.324  -11.243 8.534   1.00 12.79 ? 27 LEU C CA  1 
ATOM   703 C C   . LEU C 1 27 ? -0.944  -11.685 9.932   1.00 12.51 ? 27 LEU C C   1 
ATOM   704 O O   . LEU C 1 27 ? -0.498  -12.806 10.137  1.00 11.88 ? 27 LEU C O   1 
ATOM   705 C CB  . LEU C 1 27 ? -0.203  -10.337 7.993   1.00 13.53 ? 27 LEU C CB  1 
ATOM   706 C CG  . LEU C 1 27 ? 0.227   -10.617 6.571   1.00 18.01 ? 27 LEU C CG  1 
ATOM   707 C CD1 . LEU C 1 27 ? 1.205   -9.467  6.165   1.00 18.77 ? 27 LEU C CD1 1 
ATOM   708 C CD2 . LEU C 1 27 ? 0.864   -12.016 6.410   1.00 17.79 ? 27 LEU C CD2 1 
ATOM   709 N N   . ASP C 1 28 ? -1.091  -10.798 10.909  1.00 11.98 ? 28 ASP C N   1 
ATOM   710 C CA  . ASP C 1 28 ? -0.761  -11.172 12.299  1.00 13.23 ? 28 ASP C CA  1 
ATOM   711 C C   . ASP C 1 28 ? -1.522  -12.431 12.732  1.00 13.62 ? 28 ASP C C   1 
ATOM   712 O O   . ASP C 1 28 ? -0.980  -13.324 13.382  1.00 14.40 ? 28 ASP C O   1 
ATOM   713 C CB  . ASP C 1 28 ? -1.161  -10.036 13.222  1.00 13.65 ? 28 ASP C CB  1 
ATOM   714 C CG  . ASP C 1 28 ? -0.223  -8.846  13.158  1.00 15.66 ? 28 ASP C CG  1 
ATOM   715 O OD1 . ASP C 1 28 ? 0.959   -8.968  12.719  1.00 15.87 ? 28 ASP C OD1 1 
ATOM   716 O OD2 . ASP C 1 28 ? -0.626  -7.723  13.561  1.00 17.83 ? 28 ASP C OD2 1 
ATOM   717 N N   . LYS C 1 29 ? -2.791  -12.488 12.363  1.00 13.23 ? 29 LYS C N   1 
ATOM   718 C CA  . LYS C 1 29 ? -3.659  -13.586 12.748  1.00 14.21 ? 29 LYS C CA  1 
ATOM   719 C C   . LYS C 1 29 ? -3.283  -14.881 12.046  1.00 13.90 ? 29 LYS C C   1 
ATOM   720 O O   . LYS C 1 29 ? -3.278  -15.948 12.675  1.00 14.17 ? 29 LYS C O   1 
ATOM   721 C CB  . LYS C 1 29 ? -5.126  -13.190 12.513  1.00 15.13 ? 29 LYS C CB  1 
ATOM   722 C CG  . LYS C 1 29 ? -5.553  -11.969 13.323  1.00 18.92 ? 29 LYS C CG  1 
ATOM   723 C CD  . LYS C 1 29 ? -7.042  -11.652 13.197  1.00 22.98 ? 29 LYS C CD  1 
ATOM   724 C CE  . LYS C 1 29 ? -7.695  -11.560 14.583  1.00 27.56 ? 29 LYS C CE  1 
ATOM   725 N NZ  . LYS C 1 29 ? -7.296  -10.333 15.361  1.00 30.04 ? 29 LYS C NZ  1 
ATOM   726 N N   . VAL C 1 30 ? -2.977  -14.804 10.745  1.00 13.90 ? 30 VAL C N   1 
ATOM   727 C CA  . VAL C 1 30 ? -2.594  -16.017 10.012  1.00 14.29 ? 30 VAL C CA  1 
ATOM   728 C C   . VAL C 1 30 ? -1.256  -16.565 10.513  1.00 13.62 ? 30 VAL C C   1 
ATOM   729 O O   . VAL C 1 30 ? -1.093  -17.768 10.636  1.00 13.67 ? 30 VAL C O   1 
ATOM   730 C CB  . VAL C 1 30 ? -2.598  -15.847 8.463   1.00 15.01 ? 30 VAL C CB  1 
ATOM   731 C CG1 . VAL C 1 30 ? -3.986  -15.464 7.989   1.00 17.19 ? 30 VAL C CG1 1 
ATOM   732 C CG2 . VAL C 1 30 ? -1.644  -14.823 7.987   1.00 17.31 ? 30 VAL C CG2 1 
ATOM   733 N N   . GLU C 1 31 ? -0.307  -15.674 10.811  1.00 14.07 ? 31 GLU C N   1 
ATOM   734 C CA  . GLU C 1 31 ? 1.010   -16.102 11.311  1.00 13.82 ? 31 GLU C CA  1 
ATOM   735 C C   . GLU C 1 31 ? 0.915   -16.937 12.587  1.00 15.30 ? 31 GLU C C   1 
ATOM   736 O O   . GLU C 1 31 ? 1.743   -17.830 12.824  1.00 15.55 ? 31 GLU C O   1 
ATOM   737 C CB  . GLU C 1 31 ? 1.910   -14.885 11.538  1.00 13.21 ? 31 GLU C CB  1 
ATOM   738 C CG  . GLU C 1 31 ? 2.360   -14.275 10.220  1.00 11.99 ? 31 GLU C CG  1 
ATOM   739 C CD  . GLU C 1 31 ? 3.174   -13.021 10.372  1.00 13.10 ? 31 GLU C CD  1 
ATOM   740 O OE1 . GLU C 1 31 ? 3.138   -12.414 11.464  1.00 16.33 ? 31 GLU C OE1 1 
ATOM   741 O OE2 . GLU C 1 31 ? 3.881   -12.647 9.420   1.00 11.59 ? 31 GLU C OE2 1 
ATOM   742 N N   . ALA C 1 32 ? -0.135  -16.680 13.367  1.00 16.50 ? 32 ALA C N   1 
ATOM   743 C CA  . ALA C 1 32 ? -0.406  -17.384 14.621  1.00 17.52 ? 32 ALA C CA  1 
ATOM   744 C C   . ALA C 1 32 ? -1.032  -18.762 14.412  1.00 18.77 ? 32 ALA C C   1 
ATOM   745 O O   . ALA C 1 32 ? -1.062  -19.593 15.339  1.00 18.63 ? 32 ALA C O   1 
ATOM   746 C CB  . ALA C 1 32 ? -1.297  -16.524 15.505  1.00 18.71 ? 32 ALA C CB  1 
ATOM   747 N N   . GLU C 1 33 ? -1.528  -19.023 13.206  1.00 19.09 ? 33 GLU C N   1 
ATOM   748 C CA  . GLU C 1 33 ? -2.203  -20.282 12.913  1.00 20.26 ? 33 GLU C CA  1 
ATOM   749 C C   . GLU C 1 33 ? -1.282  -21.255 12.161  1.00 20.77 ? 33 GLU C C   1 
ATOM   750 O O   . GLU C 1 33 ? -1.612  -22.432 12.005  1.00 20.94 ? 33 GLU C O   1 
ATOM   751 C CB  . GLU C 1 33 ? -3.491  -20.012 12.103  1.00 20.82 ? 33 GLU C CB  1 
ATOM   752 C CG  . GLU C 1 33 ? -4.627  -19.343 12.883  1.00 23.35 ? 33 GLU C CG  1 
ATOM   753 C CD  . GLU C 1 33 ? -5.513  -20.335 13.633  1.00 26.30 ? 33 GLU C CD  1 
ATOM   754 O OE1 . GLU C 1 33 ? -5.328  -21.556 13.479  1.00 28.12 ? 33 GLU C OE1 1 
ATOM   755 O OE2 . GLU C 1 33 ? -6.413  -19.901 14.381  1.00 28.05 ? 33 GLU C OE2 1 
ATOM   756 N N   . VAL C 1 34 ? -0.136  -20.764 11.687  1.00 20.75 ? 34 VAL C N   1 
ATOM   757 C CA  . VAL C 1 34 ? 0.830   -21.615 10.970  1.00 21.27 ? 34 VAL C CA  1 
ATOM   758 C C   . VAL C 1 34 ? 2.169   -21.738 11.710  1.00 21.91 ? 34 VAL C C   1 
ATOM   759 O O   . VAL C 1 34 ? 3.108   -22.351 11.205  1.00 21.66 ? 34 VAL C O   1 
ATOM   760 C CB  . VAL C 1 34 ? 1.084   -21.138 9.501   1.00 21.41 ? 34 VAL C CB  1 
ATOM   761 C CG1 . VAL C 1 34 ? -0.198  -21.134 8.682   1.00 21.18 ? 34 VAL C CG1 1 
ATOM   762 C CG2 . VAL C 1 34 ? 1.713   -19.759 9.475   1.00 20.20 ? 34 VAL C CG2 1 
ATOM   763 O OXT . VAL C 1 34 ? 2.364   -21.236 12.831  1.00 24.09 ? 34 VAL C OXT 1 
HETATM 764 O O   . HOH D 2 .  ? -3.068  -6.965  -9.171  1.00 29.09 ? 35 HOH A O   1 
HETATM 765 O O   . HOH D 2 .  ? -5.347  -2.393  -9.571  1.00 31.08 ? 36 HOH A O   1 
HETATM 766 O O   . HOH D 2 .  ? -3.670  -0.659  -11.037 1.00 31.39 ? 37 HOH A O   1 
HETATM 767 O O   . HOH D 2 .  ? -10.403 -12.246 6.613   1.00 32.78 ? 38 HOH A O   1 
HETATM 768 O O   . HOH D 2 .  ? 3.211   -14.567 -5.496  1.00 29.37 ? 39 HOH A O   1 
HETATM 769 O O   . HOH D 2 .  ? 0.452   8.418   -15.396 1.00 33.35 ? 40 HOH A O   1 
HETATM 770 O O   . HOH D 2 .  ? -1.673  -19.895 -0.437  1.00 38.56 ? 41 HOH A O   1 
HETATM 771 O O   . HOH D 2 .  ? -10.253 -20.676 6.937   1.00 30.38 ? 42 HOH A O   1 
HETATM 772 O O   . HOH D 2 .  ? -5.000  -8.832  -8.474  1.00 42.30 ? 43 HOH A O   1 
HETATM 773 O O   . HOH D 2 .  ? -5.253  -5.611  -9.818  1.00 35.82 ? 44 HOH A O   1 
HETATM 774 O O   . HOH D 2 .  ? 5.741   7.403   -11.450 1.00 35.08 ? 45 HOH A O   1 
HETATM 775 O O   . HOH D 2 .  ? -8.846  -9.684  0.840   1.00 39.83 ? 46 HOH A O   1 
HETATM 776 O O   . HOH D 2 .  ? 8.329   15.194  -9.032  1.00 44.86 ? 47 HOH A O   1 
HETATM 777 O O   . HOH D 2 .  ? 5.605   3.365   -10.938 1.00 44.61 ? 48 HOH A O   1 
HETATM 778 O O   . HOH D 2 .  ? 1.008   2.259   -12.738 1.00 30.57 ? 49 HOH A O   1 
HETATM 779 O O   . HOH D 2 .  ? 10.450  15.058  -8.062  1.00 34.98 ? 50 HOH A O   1 
HETATM 780 O O   . HOH D 2 .  ? -12.490 -12.140 -1.960  1.00 36.99 ? 51 HOH A O   1 
HETATM 781 O O   . HOH D 2 .  ? -7.150  -1.685  -5.066  1.00 38.63 ? 52 HOH A O   1 
HETATM 782 O O   . HOH D 2 .  ? -12.996 -14.422 -2.810  1.00 49.02 ? 53 HOH A O   1 
HETATM 783 O O   . HOH D 2 .  ? -1.009  4.875   -14.848 1.00 51.56 ? 54 HOH A O   1 
HETATM 784 O O   . HOH D 2 .  ? 7.320   17.999  -9.718  1.00 46.05 ? 55 HOH A O   1 
HETATM 785 O O   . HOH D 2 .  ? -5.805  4.305   -4.676  1.00 54.98 ? 56 HOH A O   1 
HETATM 786 O O   . HOH D 2 .  ? -6.991  -1.946  -2.564  1.00 49.59 ? 57 HOH A O   1 
HETATM 787 O O   . HOH D 2 .  ? 4.338   -4.107  -10.891 1.00 51.23 ? 58 HOH A O   1 
HETATM 788 O O   . HOH D 2 .  ? 7.435   20.577  -10.825 1.00 44.38 ? 59 HOH A O   1 
HETATM 789 O O   . HOH D 2 .  ? 4.740   -2.860  -9.051  1.00 42.76 ? 60 HOH A O   1 
HETATM 790 O O   . HOH D 2 .  ? -3.634  3.413   -4.650  1.00 37.28 ? 61 HOH A O   1 
HETATM 791 O O   . HOH D 2 .  ? -3.293  12.488  -9.059  1.00 44.33 ? 62 HOH A O   1 
HETATM 792 O O   . HOH E 2 .  ? -1.677  -17.167 -1.391  1.00 21.02 ? 35 HOH B O   1 
HETATM 793 O O   . HOH E 2 .  ? 10.767  -3.063  4.559   1.00 28.24 ? 36 HOH B O   1 
HETATM 794 O O   . HOH E 2 .  ? 7.623   14.518  5.001   1.00 29.67 ? 37 HOH B O   1 
HETATM 795 O O   . HOH E 2 .  ? 2.161   -16.891 -4.148  1.00 31.10 ? 38 HOH B O   1 
HETATM 796 O O   . HOH E 2 .  ? 11.227  0.027   0.550   1.00 29.27 ? 39 HOH B O   1 
HETATM 797 O O   . HOH E 2 .  ? 9.649   7.748   4.489   1.00 35.65 ? 40 HOH B O   1 
HETATM 798 O O   . HOH E 2 .  ? 5.463   13.114  4.586   1.00 29.34 ? 41 HOH B O   1 
HETATM 799 O O   . HOH E 2 .  ? 11.373  2.635   1.301   1.00 33.78 ? 42 HOH B O   1 
HETATM 800 O O   . HOH E 2 .  ? 4.659   22.802  -1.820  1.00 34.19 ? 43 HOH B O   1 
HETATM 801 O O   . HOH E 2 .  ? 5.784   10.215  5.842   1.00 43.43 ? 44 HOH B O   1 
HETATM 802 O O   . HOH E 2 .  ? 9.677   7.600   -2.200  1.00 39.91 ? 45 HOH B O   1 
HETATM 803 O O   . HOH E 2 .  ? 11.027  10.058  -4.373  1.00 44.09 ? 46 HOH B O   1 
HETATM 804 O O   . HOH E 2 .  ? 5.170   3.501   -2.871  1.00 33.37 ? 47 HOH B O   1 
HETATM 805 O O   . HOH E 2 .  ? 8.058   -1.760  -2.964  1.00 44.10 ? 48 HOH B O   1 
HETATM 806 O O   . HOH E 2 .  ? 10.045  -13.815 2.723   1.00 43.04 ? 49 HOH B O   1 
HETATM 807 O O   . HOH E 2 .  ? 5.123   -3.663  7.599   1.00 48.36 ? 50 HOH B O   1 
HETATM 808 O O   . HOH E 2 .  ? 7.338   24.601  -1.385  1.00 34.17 ? 51 HOH B O   1 
HETATM 809 O O   . HOH E 2 .  ? 11.297  13.293  1.548   1.00 34.14 ? 52 HOH B O   1 
HETATM 810 O O   . HOH E 2 .  ? 9.422   -7.753  -0.269  1.00 48.15 ? 53 HOH B O   1 
HETATM 811 O O   . HOH E 2 .  ? 0.468   -21.270 -0.380  1.00 39.71 ? 54 HOH B O   1 
HETATM 812 O O   . HOH E 2 .  ? 6.084   -2.865  -3.827  1.00 51.05 ? 55 HOH B O   1 
HETATM 813 O O   . HOH E 2 .  ? 11.640  -11.940 1.470   1.00 37.46 ? 56 HOH B O   1 
HETATM 814 O O   . HOH E 2 .  ? 1.972   20.895  1.054   1.00 45.77 ? 57 HOH B O   1 
HETATM 815 O O   . HOH E 2 .  ? 0.709   14.897  1.197   1.00 47.96 ? 58 HOH B O   1 
HETATM 816 O O   . HOH E 2 .  ? 2.612   -24.337 1.714   1.00 41.85 ? 59 HOH B O   1 
HETATM 817 O O   . HOH E 2 .  ? 10.318  -15.661 -3.069  1.00 38.57 ? 60 HOH B O   1 
HETATM 818 O O   . HOH E 2 .  ? 9.543   5.018   -3.041  1.00 50.13 ? 61 HOH B O   1 
HETATM 819 O O   . HOH E 2 .  ? 8.342   5.133   -5.978  1.00 58.31 ? 62 HOH B O   1 
HETATM 820 O O   . HOH E 2 .  ? 9.303   -9.811  -1.951  1.00 50.42 ? 63 HOH B O   1 
HETATM 821 O O   . HOH E 2 .  ? -3.317  -26.039 5.177   1.00 30.31 ? 64 HOH B O   1 
HETATM 822 O O   . HOH E 2 .  ? 8.145   18.947  2.951   1.00 42.77 ? 65 HOH B O   1 
HETATM 823 O O   . HOH E 2 .  ? 11.526  7.756   2.245   1.00 48.13 ? 66 HOH B O   1 
HETATM 824 O O   . HOH E 2 .  ? 10.703  5.278   -5.239  1.00 44.99 ? 67 HOH B O   1 
HETATM 825 O O   . HOH E 2 .  ? 5.332   1.157   -3.915  1.00 51.61 ? 68 HOH B O   1 
HETATM 826 O O   . HOH E 2 .  ? -4.277  -28.292 6.451   1.00 43.99 ? 69 HOH B O   1 
HETATM 827 O O   . HOH E 2 .  ? 12.075  11.981  -5.975  1.00 56.90 ? 70 HOH B O   1 
HETATM 828 O O   . HOH F 2 .  ? -6.316  -13.270 9.107   1.00 21.83 ? 35 HOH C O   1 
HETATM 829 O O   . HOH F 2 .  ? 5.253   -14.453 8.042   1.00 22.62 ? 36 HOH C O   1 
HETATM 830 O O   . HOH F 2 .  ? -7.000  5.776   7.197   1.00 30.33 ? 37 HOH C O   1 
HETATM 831 O O   . HOH F 2 .  ? -5.752  4.001   8.720   1.00 26.99 ? 38 HOH C O   1 
HETATM 832 O O   . HOH F 2 .  ? -12.389 11.659  -0.722  1.00 40.68 ? 39 HOH C O   1 
HETATM 833 O O   . HOH F 2 .  ? -8.311  -0.549  8.602   1.00 28.91 ? 40 HOH C O   1 
HETATM 834 O O   . HOH F 2 .  ? -9.470  14.699  1.522   1.00 37.22 ? 41 HOH C O   1 
HETATM 835 O O   . HOH F 2 .  ? -11.116 -10.256 5.041   1.00 36.48 ? 42 HOH C O   1 
HETATM 836 O O   . HOH F 2 .  ? -9.516  8.521   -2.595  1.00 38.58 ? 43 HOH C O   1 
HETATM 837 O O   . HOH F 2 .  ? -4.290  -23.539 11.653  1.00 39.40 ? 44 HOH C O   1 
HETATM 838 O O   . HOH F 2 .  ? -6.999  1.562   10.212  1.00 39.20 ? 45 HOH C O   1 
HETATM 839 O O   . HOH F 2 .  ? 1.741   -6.583  11.872  1.00 36.83 ? 46 HOH C O   1 
HETATM 840 O O   . HOH F 2 .  ? 7.863   -13.950 8.504   1.00 36.95 ? 47 HOH C O   1 
HETATM 841 O O   . HOH F 2 .  ? -5.184  -16.027 14.769  1.00 38.37 ? 48 HOH C O   1 
HETATM 842 O O   . HOH F 2 .  ? 9.434   -11.758 6.882   1.00 40.23 ? 49 HOH C O   1 
HETATM 843 O O   . HOH F 2 .  ? -10.433 17.528  -4.089  1.00 37.29 ? 50 HOH C O   1 
HETATM 844 O O   . HOH F 2 .  ? -0.982  2.668   8.433   1.00 39.68 ? 51 HOH C O   1 
HETATM 845 O O   . HOH F 2 .  ? -11.737 5.911   -2.400  1.00 56.14 ? 52 HOH C O   1 
HETATM 846 O O   . HOH F 2 .  ? -9.014  12.896  3.531   1.00 40.57 ? 53 HOH C O   1 
HETATM 847 O O   . HOH F 2 .  ? -4.127  -8.720  14.608  1.00 48.07 ? 54 HOH C O   1 
HETATM 848 O O   . HOH F 2 .  ? -10.963 -7.182  6.751   1.00 39.30 ? 55 HOH C O   1 
HETATM 849 O O   . HOH F 2 .  ? -2.524  -3.099  11.867  1.00 50.33 ? 56 HOH C O   1 
HETATM 850 O O   . HOH F 2 .  ? 0.073   4.415   6.760   1.00 43.14 ? 57 HOH C O   1 
HETATM 851 O O   . HOH F 2 .  ? -10.029 8.083   2.249   1.00 33.39 ? 58 HOH C O   1 
HETATM 852 O O   . HOH F 2 .  ? -0.680  5.971   3.294   1.00 33.18 ? 59 HOH C O   1 
HETATM 853 O O   . HOH F 2 .  ? 1.341   7.480   3.525   1.00 46.20 ? 60 HOH C O   1 
HETATM 854 O O   . HOH F 2 .  ? 2.214   3.647   5.576   1.00 41.05 ? 61 HOH C O   1 
HETATM 855 O O   . HOH F 2 .  ? 0.764   1.092   7.600   1.00 49.18 ? 62 HOH C O   1 
HETATM 856 O O   . HOH F 2 .  ? -10.026 -0.950  4.395   1.00 42.00 ? 63 HOH C O   1 
HETATM 857 O O   . HOH F 2 .  ? -2.546  -12.705 16.308  1.00 40.76 ? 64 HOH C O   1 
HETATM 858 O O   . HOH F 2 .  ? -2.021  12.372  3.688   1.00 37.95 ? 65 HOH C O   1 
HETATM 859 O O   . HOH F 2 .  ? -0.473  -2.198  13.015  1.00 55.19 ? 66 HOH C O   1 
HETATM 860 O O   . HOH F 2 .  ? -8.468  -15.986 9.320   1.00 48.38 ? 67 HOH C O   1 
HETATM 861 O O   . HOH F 2 .  ? 5.716   -11.640 11.831  1.00 27.88 ? 68 HOH C O   1 
HETATM 862 O O   . HOH F 2 .  ? -7.545  -21.269 16.167  1.00 40.24 ? 69 HOH C O   1 
# 
loop_
_pdbx_poly_seq_scheme.asym_id 
_pdbx_poly_seq_scheme.entity_id 
_pdbx_poly_seq_scheme.seq_id 
_pdbx_poly_seq_scheme.mon_id 
_pdbx_poly_seq_scheme.ndb_seq_num 
_pdbx_poly_seq_scheme.pdb_seq_num 
_pdbx_poly_seq_scheme.auth_seq_num 
_pdbx_poly_seq_scheme.pdb_mon_id 
_pdbx_poly_seq_scheme.auth_mon_id 
_pdbx_poly_seq_scheme.pdb_strand_id 
_pdbx_poly_seq_scheme.pdb_ins_code 
_pdbx_poly_seq_scheme.hetero 
A 1 1  ALA 1  1  1  ALA ALA A . n 
A 1 2  LEU 2  2  2  LEU LEU A . n 
A 1 3  ASN 3  3  3  ASN ASN A . n 
A 1 4  THR 4  4  4  THR THR A . n 
A 1 5  LEU 5  5  5  LEU LEU A . n 
A 1 6  VAL 6  6  6  VAL VAL A . n 
A 1 7  LYS 7  7  7  LYS LYS A . n 
A 1 8  GLN 8  8  8  GLN GLN A . n 
A 1 9  LEU 9  9  9  LEU LEU A . n 
A 1 10 SER 10 10 10 SER SER A . n 
A 1 11 SER 11 11 11 SER SER A . n 
A 1 12 ASN 12 12 12 ASN ASN A . n 
A 1 13 PHE 13 13 13 PHE PHE A . n 
A 1 14 GLY 14 14 14 GLY GLY A . n 
A 1 15 ALA 15 15 15 ALA ALA A . n 
A 1 16 ILE 16 16 16 ILE ILE A . n 
A 1 17 SER 17 17 17 SER SER A . n 
A 1 18 SER 18 18 18 SER SER A . n 
A 1 19 VAL 19 19 19 VAL VAL A . n 
A 1 20 LEU 20 20 20 LEU LEU A . n 
A 1 21 ASN 21 21 21 ASN ASN A . n 
A 1 22 ASP 22 22 22 ASP ASP A . n 
A 1 23 ILE 23 23 23 ILE ILE A . n 
A 1 24 LEU 24 24 24 LEU LEU A . n 
A 1 25 SER 25 25 25 SER SER A . n 
A 1 26 ARG 26 26 26 ARG ARG A . n 
A 1 27 LEU 27 27 27 LEU LEU A . n 
A 1 28 ASP 28 28 28 ASP ASP A . n 
A 1 29 LYS 29 29 29 LYS LYS A . n 
A 1 30 VAL 30 30 30 VAL VAL A . n 
A 1 31 GLU 31 31 31 GLU GLU A . n 
A 1 32 ALA 32 32 32 ALA ALA A . n 
A 1 33 GLU 33 33 33 GLU GLU A . n 
A 1 34 VAL 34 34 34 VAL VAL A . n 
B 1 1  ALA 1  1  ?  ?   ?   B . n 
B 1 2  LEU 2  2  2  LEU LEU B . n 
B 1 3  ASN 3  3  3  ASN ASN B . n 
B 1 4  THR 4  4  4  THR THR B . n 
B 1 5  LEU 5  5  5  LEU LEU B . n 
B 1 6  VAL 6  6  6  VAL VAL B . n 
B 1 7  LYS 7  7  7  LYS LYS B . n 
B 1 8  GLN 8  8  8  GLN GLN B . n 
B 1 9  LEU 9  9  9  LEU LEU B . n 
B 1 10 SER 10 10 10 SER SER B . n 
B 1 11 SER 11 11 11 SER SER B . n 
B 1 12 ASN 12 12 12 ASN ASN B . n 
B 1 13 PHE 13 13 13 PHE PHE B . n 
B 1 14 GLY 14 14 14 GLY GLY B . n 
B 1 15 ALA 15 15 15 ALA ALA B . n 
B 1 16 ILE 16 16 16 ILE ILE B . n 
B 1 17 SER 17 17 17 SER SER B . n 
B 1 18 SER 18 18 18 SER SER B . n 
B 1 19 VAL 19 19 19 VAL VAL B . n 
B 1 20 LEU 20 20 20 LEU LEU B . n 
B 1 21 ASN 21 21 21 ASN ASN B . n 
B 1 22 ASP 22 22 22 ASP ASP B . n 
B 1 23 ILE 23 23 23 ILE ILE B . n 
B 1 24 LEU 24 24 24 LEU LEU B . n 
B 1 25 SER 25 25 25 SER SER B . n 
B 1 26 ARG 26 26 26 ARG ARG B . n 
B 1 27 LEU 27 27 27 LEU LEU B . n 
B 1 28 ASP 28 28 28 ASP ASP B . n 
B 1 29 LYS 29 29 29 LYS LYS B . n 
B 1 30 VAL 30 30 30 VAL VAL B . n 
B 1 31 GLU 31 31 31 GLU GLU B . n 
B 1 32 ALA 32 32 32 ALA ALA B . n 
B 1 33 GLU 33 33 33 GLU GLU B . n 
B 1 34 VAL 34 34 34 VAL VAL B . n 
C 1 1  ALA 1  1  1  ALA ALA C . n 
C 1 2  LEU 2  2  2  LEU LEU C . n 
C 1 3  ASN 3  3  3  ASN ASN C . n 
C 1 4  THR 4  4  4  THR THR C . n 
C 1 5  LEU 5  5  5  LEU LEU C . n 
C 1 6  VAL 6  6  6  VAL VAL C . n 
C 1 7  LYS 7  7  7  LYS LYS C . n 
C 1 8  GLN 8  8  8  GLN GLN C . n 
C 1 9  LEU 9  9  9  LEU LEU C . n 
C 1 10 SER 10 10 10 SER SER C . n 
C 1 11 SER 11 11 11 SER SER C . n 
C 1 12 ASN 12 12 12 ASN ASN C . n 
C 1 13 PHE 13 13 13 PHE PHE C . n 
C 1 14 GLY 14 14 14 GLY GLY C . n 
C 1 15 ALA 15 15 15 ALA ALA C . n 
C 1 16 ILE 16 16 16 ILE ILE C . n 
C 1 17 SER 17 17 17 SER SER C . n 
C 1 18 SER 18 18 18 SER SER C . n 
C 1 19 VAL 19 19 19 VAL VAL C . n 
C 1 20 LEU 20 20 20 LEU LEU C . n 
C 1 21 ASN 21 21 21 ASN ASN C . n 
C 1 22 ASP 22 22 22 ASP ASP C . n 
C 1 23 ILE 23 23 23 ILE ILE C . n 
C 1 24 LEU 24 24 24 LEU LEU C . n 
C 1 25 SER 25 25 25 SER SER C . n 
C 1 26 ARG 26 26 26 ARG ARG C . n 
C 1 27 LEU 27 27 27 LEU LEU C . n 
C 1 28 ASP 28 28 28 ASP ASP C . n 
C 1 29 LYS 29 29 29 LYS LYS C . n 
C 1 30 VAL 30 30 30 VAL VAL C . n 
C 1 31 GLU 31 31 31 GLU GLU C . n 
C 1 32 ALA 32 32 32 ALA ALA C . n 
C 1 33 GLU 33 33 33 GLU GLU C . n 
C 1 34 VAL 34 34 34 VAL VAL C . n 
# 
loop_
_pdbx_nonpoly_scheme.asym_id 
_pdbx_nonpoly_scheme.entity_id 
_pdbx_nonpoly_scheme.mon_id 
_pdbx_nonpoly_scheme.ndb_seq_num 
_pdbx_nonpoly_scheme.pdb_seq_num 
_pdbx_nonpoly_scheme.auth_seq_num 
_pdbx_nonpoly_scheme.pdb_mon_id 
_pdbx_nonpoly_scheme.auth_mon_id 
_pdbx_nonpoly_scheme.pdb_strand_id 
_pdbx_nonpoly_scheme.pdb_ins_code 
D 2 HOH 1  35 6  HOH HOH A . 
D 2 HOH 2  36 7  HOH HOH A . 
D 2 HOH 3  37 13 HOH HOH A . 
D 2 HOH 4  38 14 HOH HOH A . 
D 2 HOH 5  39 17 HOH HOH A . 
D 2 HOH 6  40 21 HOH HOH A . 
D 2 HOH 7  41 23 HOH HOH A . 
D 2 HOH 8  42 24 HOH HOH A . 
D 2 HOH 9  43 25 HOH HOH A . 
D 2 HOH 10 44 31 HOH HOH A . 
D 2 HOH 11 45 32 HOH HOH A . 
D 2 HOH 12 46 33 HOH HOH A . 
D 2 HOH 13 47 41 HOH HOH A . 
D 2 HOH 14 48 42 HOH HOH A . 
D 2 HOH 15 49 43 HOH HOH A . 
D 2 HOH 16 50 48 HOH HOH A . 
D 2 HOH 17 51 57 HOH HOH A . 
D 2 HOH 18 52 61 HOH HOH A . 
D 2 HOH 19 53 62 HOH HOH A . 
D 2 HOH 20 54 74 HOH HOH A . 
D 2 HOH 21 55 77 HOH HOH A . 
D 2 HOH 22 56 84 HOH HOH A . 
D 2 HOH 23 57 85 HOH HOH A . 
D 2 HOH 24 58 94 HOH HOH A . 
D 2 HOH 25 59 96 HOH HOH A . 
D 2 HOH 26 60 97 HOH HOH A . 
D 2 HOH 27 61 98 HOH HOH A . 
D 2 HOH 28 62 99 HOH HOH A . 
E 2 HOH 1  35 1  HOH HOH B . 
E 2 HOH 2  36 5  HOH HOH B . 
E 2 HOH 3  37 8  HOH HOH B . 
E 2 HOH 4  38 10 HOH HOH B . 
E 2 HOH 5  39 11 HOH HOH B . 
E 2 HOH 6  40 12 HOH HOH B . 
E 2 HOH 7  41 15 HOH HOH B . 
E 2 HOH 8  42 16 HOH HOH B . 
E 2 HOH 9  43 20 HOH HOH B . 
E 2 HOH 10 44 22 HOH HOH B . 
E 2 HOH 11 45 26 HOH HOH B . 
E 2 HOH 12 46 27 HOH HOH B . 
E 2 HOH 13 47 28 HOH HOH B . 
E 2 HOH 14 48 34 HOH HOH B . 
E 2 HOH 15 49 35 HOH HOH B . 
E 2 HOH 16 50 44 HOH HOH B . 
E 2 HOH 17 51 49 HOH HOH B . 
E 2 HOH 18 52 51 HOH HOH B . 
E 2 HOH 19 53 54 HOH HOH B . 
E 2 HOH 20 54 58 HOH HOH B . 
E 2 HOH 21 55 63 HOH HOH B . 
E 2 HOH 22 56 64 HOH HOH B . 
E 2 HOH 23 57 66 HOH HOH B . 
E 2 HOH 24 58 69 HOH HOH B . 
E 2 HOH 25 59 71 HOH HOH B . 
E 2 HOH 26 60 73 HOH HOH B . 
E 2 HOH 27 61 75 HOH HOH B . 
E 2 HOH 28 62 76 HOH HOH B . 
E 2 HOH 29 63 80 HOH HOH B . 
E 2 HOH 30 64 82 HOH HOH B . 
E 2 HOH 31 65 88 HOH HOH B . 
E 2 HOH 32 66 89 HOH HOH B . 
E 2 HOH 33 67 91 HOH HOH B . 
E 2 HOH 34 68 92 HOH HOH B . 
E 2 HOH 35 69 93 HOH HOH B . 
E 2 HOH 36 70 95 HOH HOH B . 
F 2 HOH 1  35 2  HOH HOH C . 
F 2 HOH 2  36 3  HOH HOH C . 
F 2 HOH 3  37 4  HOH HOH C . 
F 2 HOH 4  38 9  HOH HOH C . 
F 2 HOH 5  39 18 HOH HOH C . 
F 2 HOH 6  40 19 HOH HOH C . 
F 2 HOH 7  41 29 HOH HOH C . 
F 2 HOH 8  42 30 HOH HOH C . 
F 2 HOH 9  43 36 HOH HOH C . 
F 2 HOH 10 44 37 HOH HOH C . 
F 2 HOH 11 45 38 HOH HOH C . 
F 2 HOH 12 46 39 HOH HOH C . 
F 2 HOH 13 47 40 HOH HOH C . 
F 2 HOH 14 48 45 HOH HOH C . 
F 2 HOH 15 49 46 HOH HOH C . 
F 2 HOH 16 50 47 HOH HOH C . 
F 2 HOH 17 51 50 HOH HOH C . 
F 2 HOH 18 52 52 HOH HOH C . 
F 2 HOH 19 53 53 HOH HOH C . 
F 2 HOH 20 54 55 HOH HOH C . 
F 2 HOH 21 55 56 HOH HOH C . 
F 2 HOH 22 56 59 HOH HOH C . 
F 2 HOH 23 57 60 HOH HOH C . 
F 2 HOH 24 58 65 HOH HOH C . 
F 2 HOH 25 59 67 HOH HOH C . 
F 2 HOH 26 60 68 HOH HOH C . 
F 2 HOH 27 61 70 HOH HOH C . 
F 2 HOH 28 62 72 HOH HOH C . 
F 2 HOH 29 63 78 HOH HOH C . 
F 2 HOH 30 64 79 HOH HOH C . 
F 2 HOH 31 65 81 HOH HOH C . 
F 2 HOH 32 66 83 HOH HOH C . 
F 2 HOH 33 67 86 HOH HOH C . 
F 2 HOH 34 68 87 HOH HOH C . 
F 2 HOH 35 69 90 HOH HOH C . 
# 
_pdbx_struct_assembly.id                   1 
_pdbx_struct_assembly.details              author_and_software_defined_assembly 
_pdbx_struct_assembly.method_details       PISA 
_pdbx_struct_assembly.oligomeric_details   trimeric 
_pdbx_struct_assembly.oligomeric_count     3 
# 
_pdbx_struct_assembly_gen.assembly_id       1 
_pdbx_struct_assembly_gen.oper_expression   1 
_pdbx_struct_assembly_gen.asym_id_list      A,B,C,D,E,F 
# 
loop_
_pdbx_struct_assembly_prop.biol_id 
_pdbx_struct_assembly_prop.type 
_pdbx_struct_assembly_prop.value 
_pdbx_struct_assembly_prop.details 
1 'ABSA (A^2)' 3500 ? 
1 MORE         -38  ? 
1 'SSA (A^2)'  6100 ? 
# 
_pdbx_struct_oper_list.id                   1 
_pdbx_struct_oper_list.type                 'identity operation' 
_pdbx_struct_oper_list.name                 1_555 
_pdbx_struct_oper_list.symmetry_operation   x,y,z 
_pdbx_struct_oper_list.matrix[1][1]         1.0000000000 
_pdbx_struct_oper_list.matrix[1][2]         0.0000000000 
_pdbx_struct_oper_list.matrix[1][3]         0.0000000000 
_pdbx_struct_oper_list.vector[1]            0.0000000000 
_pdbx_struct_oper_list.matrix[2][1]         0.0000000000 
_pdbx_struct_oper_list.matrix[2][2]         1.0000000000 
_pdbx_struct_oper_list.matrix[2][3]         0.0000000000 
_pdbx_struct_oper_list.vector[2]            0.0000000000 
_pdbx_struct_oper_list.matrix[3][1]         0.0000000000 
_pdbx_struct_oper_list.matrix[3][2]         0.0000000000 
_pdbx_struct_oper_list.matrix[3][3]         1.0000000000 
_pdbx_struct_oper_list.vector[3]            0.0000000000 
# 
loop_
_pdbx_audit_revision_history.ordinal 
_pdbx_audit_revision_history.data_content_type 
_pdbx_audit_revision_history.major_revision 
_pdbx_audit_revision_history.minor_revision 
_pdbx_audit_revision_history.revision_date 
1 'Structure model' 1 0 2006-05-16 
2 'Structure model' 1 1 2008-04-30 
3 'Structure model' 1 2 2011-07-13 
4 'Structure model' 1 3 2023-08-23 
# 
_pdbx_audit_revision_details.ordinal             1 
_pdbx_audit_revision_details.revision_ordinal    1 
_pdbx_audit_revision_details.data_content_type   'Structure model' 
_pdbx_audit_revision_details.provider            repository 
_pdbx_audit_revision_details.type                'Initial release' 
_pdbx_audit_revision_details.description         ? 
_pdbx_audit_revision_details.details             ? 
# 
loop_
_pdbx_audit_revision_group.ordinal 
_pdbx_audit_revision_group.revision_ordinal 
_pdbx_audit_revision_group.data_content_type 
_pdbx_audit_revision_group.group 
1 2 'Structure model' 'Version format compliance' 
2 3 'Structure model' Advisory                    
3 3 'Structure model' 'Version format compliance' 
4 4 'Structure model' 'Data collection'           
5 4 'Structure model' 'Database references'       
6 4 'Structure model' 'Refinement description'    
# 
loop_
_pdbx_audit_revision_category.ordinal 
_pdbx_audit_revision_category.revision_ordinal 
_pdbx_audit_revision_category.data_content_type 
_pdbx_audit_revision_category.category 
1 4 'Structure model' chem_comp_atom                
2 4 'Structure model' chem_comp_bond                
3 4 'Structure model' database_2                    
4 4 'Structure model' pdbx_initial_refinement_model 
# 
loop_
_pdbx_audit_revision_item.ordinal 
_pdbx_audit_revision_item.revision_ordinal 
_pdbx_audit_revision_item.data_content_type 
_pdbx_audit_revision_item.item 
1 4 'Structure model' '_database_2.pdbx_DOI'                
2 4 'Structure model' '_database_2.pdbx_database_accession' 
# 
loop_
_pdbx_refine_tls.id 
_pdbx_refine_tls.details 
_pdbx_refine_tls.method 
_pdbx_refine_tls.origin_x 
_pdbx_refine_tls.origin_y 
_pdbx_refine_tls.origin_z 
_pdbx_refine_tls.T[1][1] 
_pdbx_refine_tls.T[2][2] 
_pdbx_refine_tls.T[3][3] 
_pdbx_refine_tls.T[1][2] 
_pdbx_refine_tls.T[1][3] 
_pdbx_refine_tls.T[2][3] 
_pdbx_refine_tls.L[1][1] 
_pdbx_refine_tls.L[2][2] 
_pdbx_refine_tls.L[3][3] 
_pdbx_refine_tls.L[1][2] 
_pdbx_refine_tls.L[1][3] 
_pdbx_refine_tls.L[2][3] 
_pdbx_refine_tls.S[1][1] 
_pdbx_refine_tls.S[1][2] 
_pdbx_refine_tls.S[1][3] 
_pdbx_refine_tls.S[2][1] 
_pdbx_refine_tls.S[2][2] 
_pdbx_refine_tls.S[2][3] 
_pdbx_refine_tls.S[3][1] 
_pdbx_refine_tls.S[3][2] 
_pdbx_refine_tls.S[3][3] 
_pdbx_refine_tls.pdbx_refine_id 
1 ? refined -1.5475 -1.7425 -5.3076 0.0396 0.0217 0.0240 0.0043  -0.0206 -0.0119 2.4610 17.8049 4.5676 4.3294  -2.1094 -7.8746 -0.0348 0.0459  -0.0932 -0.3164 0.1201  0.0673  0.1556  -0.0757 -0.0855 'X-RAY DIFFRACTION' 
2 ? refined 5.6736  -0.2966 1.5448  0.0292 0.0475 0.0145 -0.0055 -0.0010 0.0020  0.8212 20.3853 1.2316 1.2743  -0.0851 -1.3817 -0.0330 -0.0396 -0.0246 0.1347  -0.0263 -0.4066 -0.0253 0.0891  0.0595  'X-RAY DIFFRACTION' 
3 ? refined -4.0265 1.6042  3.9784  0.0354 0.0399 0.0168 -0.0192 0.0020  -0.0161 1.5751 15.5909 4.5792 -2.5383 1.2088  -6.6005 -0.0305 -0.0320 -0.0075 0.3283  0.1060  0.2385  -0.0710 -0.1141 -0.0755 'X-RAY DIFFRACTION' 
# 
loop_
_pdbx_refine_tls_group.id 
_pdbx_refine_tls_group.refine_tls_id 
_pdbx_refine_tls_group.beg_auth_asym_id 
_pdbx_refine_tls_group.beg_auth_seq_id 
_pdbx_refine_tls_group.beg_label_asym_id 
_pdbx_refine_tls_group.beg_label_seq_id 
_pdbx_refine_tls_group.end_auth_asym_id 
_pdbx_refine_tls_group.end_auth_seq_id 
_pdbx_refine_tls_group.end_label_asym_id 
_pdbx_refine_tls_group.end_label_seq_id 
_pdbx_refine_tls_group.selection 
_pdbx_refine_tls_group.pdbx_refine_id 
_pdbx_refine_tls_group.selection_details 
1 1 A 1 A 1 A 34 A 34 ? 'X-RAY DIFFRACTION' ? 
2 2 B 2 B 2 B 34 B 34 ? 'X-RAY DIFFRACTION' ? 
3 3 C 1 C 1 C 34 C 34 ? 'X-RAY DIFFRACTION' ? 
# 
loop_
_software.name 
_software.classification 
_software.version 
_software.citation_id 
_software.pdbx_ordinal 
REFMAC    refinement       5.2.0003 ? 1 
DENZO     'data reduction' .        ? 2 
SCALEPACK 'data scaling'   .        ? 3 
PHASER    phasing          .        ? 4 
# 
_pdbx_unobs_or_zero_occ_residues.id               1 
_pdbx_unobs_or_zero_occ_residues.PDB_model_num    1 
_pdbx_unobs_or_zero_occ_residues.polymer_flag     Y 
_pdbx_unobs_or_zero_occ_residues.occupancy_flag   1 
_pdbx_unobs_or_zero_occ_residues.auth_asym_id     B 
_pdbx_unobs_or_zero_occ_residues.auth_comp_id     ALA 
_pdbx_unobs_or_zero_occ_residues.auth_seq_id      1 
_pdbx_unobs_or_zero_occ_residues.PDB_ins_code     ? 
_pdbx_unobs_or_zero_occ_residues.label_asym_id    B 
_pdbx_unobs_or_zero_occ_residues.label_comp_id    ALA 
_pdbx_unobs_or_zero_occ_residues.label_seq_id     1 
# 
loop_
_chem_comp_atom.comp_id 
_chem_comp_atom.atom_id 
_chem_comp_atom.type_symbol 
_chem_comp_atom.pdbx_aromatic_flag 
_chem_comp_atom.pdbx_stereo_config 
_chem_comp_atom.pdbx_ordinal 
ALA N    N N N 1   
ALA CA   C N S 2   
ALA C    C N N 3   
ALA O    O N N 4   
ALA CB   C N N 5   
ALA OXT  O N N 6   
ALA H    H N N 7   
ALA H2   H N N 8   
ALA HA   H N N 9   
ALA HB1  H N N 10  
ALA HB2  H N N 11  
ALA HB3  H N N 12  
ALA HXT  H N N 13  
ARG N    N N N 14  
ARG CA   C N S 15  
ARG C    C N N 16  
ARG O    O N N 17  
ARG CB   C N N 18  
ARG CG   C N N 19  
ARG CD   C N N 20  
ARG NE   N N N 21  
ARG CZ   C N N 22  
ARG NH1  N N N 23  
ARG NH2  N N N 24  
ARG OXT  O N N 25  
ARG H    H N N 26  
ARG H2   H N N 27  
ARG HA   H N N 28  
ARG HB2  H N N 29  
ARG HB3  H N N 30  
ARG HG2  H N N 31  
ARG HG3  H N N 32  
ARG HD2  H N N 33  
ARG HD3  H N N 34  
ARG HE   H N N 35  
ARG HH11 H N N 36  
ARG HH12 H N N 37  
ARG HH21 H N N 38  
ARG HH22 H N N 39  
ARG HXT  H N N 40  
ASN N    N N N 41  
ASN CA   C N S 42  
ASN C    C N N 43  
ASN O    O N N 44  
ASN CB   C N N 45  
ASN CG   C N N 46  
ASN OD1  O N N 47  
ASN ND2  N N N 48  
ASN OXT  O N N 49  
ASN H    H N N 50  
ASN H2   H N N 51  
ASN HA   H N N 52  
ASN HB2  H N N 53  
ASN HB3  H N N 54  
ASN HD21 H N N 55  
ASN HD22 H N N 56  
ASN HXT  H N N 57  
ASP N    N N N 58  
ASP CA   C N S 59  
ASP C    C N N 60  
ASP O    O N N 61  
ASP CB   C N N 62  
ASP CG   C N N 63  
ASP OD1  O N N 64  
ASP OD2  O N N 65  
ASP OXT  O N N 66  
ASP H    H N N 67  
ASP H2   H N N 68  
ASP HA   H N N 69  
ASP HB2  H N N 70  
ASP HB3  H N N 71  
ASP HD2  H N N 72  
ASP HXT  H N N 73  
GLN N    N N N 74  
GLN CA   C N S 75  
GLN C    C N N 76  
GLN O    O N N 77  
GLN CB   C N N 78  
GLN CG   C N N 79  
GLN CD   C N N 80  
GLN OE1  O N N 81  
GLN NE2  N N N 82  
GLN OXT  O N N 83  
GLN H    H N N 84  
GLN H2   H N N 85  
GLN HA   H N N 86  
GLN HB2  H N N 87  
GLN HB3  H N N 88  
GLN HG2  H N N 89  
GLN HG3  H N N 90  
GLN HE21 H N N 91  
GLN HE22 H N N 92  
GLN HXT  H N N 93  
GLU N    N N N 94  
GLU CA   C N S 95  
GLU C    C N N 96  
GLU O    O N N 97  
GLU CB   C N N 98  
GLU CG   C N N 99  
GLU CD   C N N 100 
GLU OE1  O N N 101 
GLU OE2  O N N 102 
GLU OXT  O N N 103 
GLU H    H N N 104 
GLU H2   H N N 105 
GLU HA   H N N 106 
GLU HB2  H N N 107 
GLU HB3  H N N 108 
GLU HG2  H N N 109 
GLU HG3  H N N 110 
GLU HE2  H N N 111 
GLU HXT  H N N 112 
GLY N    N N N 113 
GLY CA   C N N 114 
GLY C    C N N 115 
GLY O    O N N 116 
GLY OXT  O N N 117 
GLY H    H N N 118 
GLY H2   H N N 119 
GLY HA2  H N N 120 
GLY HA3  H N N 121 
GLY HXT  H N N 122 
HOH O    O N N 123 
HOH H1   H N N 124 
HOH H2   H N N 125 
ILE N    N N N 126 
ILE CA   C N S 127 
ILE C    C N N 128 
ILE O    O N N 129 
ILE CB   C N S 130 
ILE CG1  C N N 131 
ILE CG2  C N N 132 
ILE CD1  C N N 133 
ILE OXT  O N N 134 
ILE H    H N N 135 
ILE H2   H N N 136 
ILE HA   H N N 137 
ILE HB   H N N 138 
ILE HG12 H N N 139 
ILE HG13 H N N 140 
ILE HG21 H N N 141 
ILE HG22 H N N 142 
ILE HG23 H N N 143 
ILE HD11 H N N 144 
ILE HD12 H N N 145 
ILE HD13 H N N 146 
ILE HXT  H N N 147 
LEU N    N N N 148 
LEU CA   C N S 149 
LEU C    C N N 150 
LEU O    O N N 151 
LEU CB   C N N 152 
LEU CG   C N N 153 
LEU CD1  C N N 154 
LEU CD2  C N N 155 
LEU OXT  O N N 156 
LEU H    H N N 157 
LEU H2   H N N 158 
LEU HA   H N N 159 
LEU HB2  H N N 160 
LEU HB3  H N N 161 
LEU HG   H N N 162 
LEU HD11 H N N 163 
LEU HD12 H N N 164 
LEU HD13 H N N 165 
LEU HD21 H N N 166 
LEU HD22 H N N 167 
LEU HD23 H N N 168 
LEU HXT  H N N 169 
LYS N    N N N 170 
LYS CA   C N S 171 
LYS C    C N N 172 
LYS O    O N N 173 
LYS CB   C N N 174 
LYS CG   C N N 175 
LYS CD   C N N 176 
LYS CE   C N N 177 
LYS NZ   N N N 178 
LYS OXT  O N N 179 
LYS H    H N N 180 
LYS H2   H N N 181 
LYS HA   H N N 182 
LYS HB2  H N N 183 
LYS HB3  H N N 184 
LYS HG2  H N N 185 
LYS HG3  H N N 186 
LYS HD2  H N N 187 
LYS HD3  H N N 188 
LYS HE2  H N N 189 
LYS HE3  H N N 190 
LYS HZ1  H N N 191 
LYS HZ2  H N N 192 
LYS HZ3  H N N 193 
LYS HXT  H N N 194 
PHE N    N N N 195 
PHE CA   C N S 196 
PHE C    C N N 197 
PHE O    O N N 198 
PHE CB   C N N 199 
PHE CG   C Y N 200 
PHE CD1  C Y N 201 
PHE CD2  C Y N 202 
PHE CE1  C Y N 203 
PHE CE2  C Y N 204 
PHE CZ   C Y N 205 
PHE OXT  O N N 206 
PHE H    H N N 207 
PHE H2   H N N 208 
PHE HA   H N N 209 
PHE HB2  H N N 210 
PHE HB3  H N N 211 
PHE HD1  H N N 212 
PHE HD2  H N N 213 
PHE HE1  H N N 214 
PHE HE2  H N N 215 
PHE HZ   H N N 216 
PHE HXT  H N N 217 
SER N    N N N 218 
SER CA   C N S 219 
SER C    C N N 220 
SER O    O N N 221 
SER CB   C N N 222 
SER OG   O N N 223 
SER OXT  O N N 224 
SER H    H N N 225 
SER H2   H N N 226 
SER HA   H N N 227 
SER HB2  H N N 228 
SER HB3  H N N 229 
SER HG   H N N 230 
SER HXT  H N N 231 
THR N    N N N 232 
THR CA   C N S 233 
THR C    C N N 234 
THR O    O N N 235 
THR CB   C N R 236 
THR OG1  O N N 237 
THR CG2  C N N 238 
THR OXT  O N N 239 
THR H    H N N 240 
THR H2   H N N 241 
THR HA   H N N 242 
THR HB   H N N 243 
THR HG1  H N N 244 
THR HG21 H N N 245 
THR HG22 H N N 246 
THR HG23 H N N 247 
THR HXT  H N N 248 
VAL N    N N N 249 
VAL CA   C N S 250 
VAL C    C N N 251 
VAL O    O N N 252 
VAL CB   C N N 253 
VAL CG1  C N N 254 
VAL CG2  C N N 255 
VAL OXT  O N N 256 
VAL H    H N N 257 
VAL H2   H N N 258 
VAL HA   H N N 259 
VAL HB   H N N 260 
VAL HG11 H N N 261 
VAL HG12 H N N 262 
VAL HG13 H N N 263 
VAL HG21 H N N 264 
VAL HG22 H N N 265 
VAL HG23 H N N 266 
VAL HXT  H N N 267 
# 
loop_
_chem_comp_bond.comp_id 
_chem_comp_bond.atom_id_1 
_chem_comp_bond.atom_id_2 
_chem_comp_bond.value_order 
_chem_comp_bond.pdbx_aromatic_flag 
_chem_comp_bond.pdbx_stereo_config 
_chem_comp_bond.pdbx_ordinal 
ALA N   CA   sing N N 1   
ALA N   H    sing N N 2   
ALA N   H2   sing N N 3   
ALA CA  C    sing N N 4   
ALA CA  CB   sing N N 5   
ALA CA  HA   sing N N 6   
ALA C   O    doub N N 7   
ALA C   OXT  sing N N 8   
ALA CB  HB1  sing N N 9   
ALA CB  HB2  sing N N 10  
ALA CB  HB3  sing N N 11  
ALA OXT HXT  sing N N 12  
ARG N   CA   sing N N 13  
ARG N   H    sing N N 14  
ARG N   H2   sing N N 15  
ARG CA  C    sing N N 16  
ARG CA  CB   sing N N 17  
ARG CA  HA   sing N N 18  
ARG C   O    doub N N 19  
ARG C   OXT  sing N N 20  
ARG CB  CG   sing N N 21  
ARG CB  HB2  sing N N 22  
ARG CB  HB3  sing N N 23  
ARG CG  CD   sing N N 24  
ARG CG  HG2  sing N N 25  
ARG CG  HG3  sing N N 26  
ARG CD  NE   sing N N 27  
ARG CD  HD2  sing N N 28  
ARG CD  HD3  sing N N 29  
ARG NE  CZ   sing N N 30  
ARG NE  HE   sing N N 31  
ARG CZ  NH1  sing N N 32  
ARG CZ  NH2  doub N N 33  
ARG NH1 HH11 sing N N 34  
ARG NH1 HH12 sing N N 35  
ARG NH2 HH21 sing N N 36  
ARG NH2 HH22 sing N N 37  
ARG OXT HXT  sing N N 38  
ASN N   CA   sing N N 39  
ASN N   H    sing N N 40  
ASN N   H2   sing N N 41  
ASN CA  C    sing N N 42  
ASN CA  CB   sing N N 43  
ASN CA  HA   sing N N 44  
ASN C   O    doub N N 45  
ASN C   OXT  sing N N 46  
ASN CB  CG   sing N N 47  
ASN CB  HB2  sing N N 48  
ASN CB  HB3  sing N N 49  
ASN CG  OD1  doub N N 50  
ASN CG  ND2  sing N N 51  
ASN ND2 HD21 sing N N 52  
ASN ND2 HD22 sing N N 53  
ASN OXT HXT  sing N N 54  
ASP N   CA   sing N N 55  
ASP N   H    sing N N 56  
ASP N   H2   sing N N 57  
ASP CA  C    sing N N 58  
ASP CA  CB   sing N N 59  
ASP CA  HA   sing N N 60  
ASP C   O    doub N N 61  
ASP C   OXT  sing N N 62  
ASP CB  CG   sing N N 63  
ASP CB  HB2  sing N N 64  
ASP CB  HB3  sing N N 65  
ASP CG  OD1  doub N N 66  
ASP CG  OD2  sing N N 67  
ASP OD2 HD2  sing N N 68  
ASP OXT HXT  sing N N 69  
GLN N   CA   sing N N 70  
GLN N   H    sing N N 71  
GLN N   H2   sing N N 72  
GLN CA  C    sing N N 73  
GLN CA  CB   sing N N 74  
GLN CA  HA   sing N N 75  
GLN C   O    doub N N 76  
GLN C   OXT  sing N N 77  
GLN CB  CG   sing N N 78  
GLN CB  HB2  sing N N 79  
GLN CB  HB3  sing N N 80  
GLN CG  CD   sing N N 81  
GLN CG  HG2  sing N N 82  
GLN CG  HG3  sing N N 83  
GLN CD  OE1  doub N N 84  
GLN CD  NE2  sing N N 85  
GLN NE2 HE21 sing N N 86  
GLN NE2 HE22 sing N N 87  
GLN OXT HXT  sing N N 88  
GLU N   CA   sing N N 89  
GLU N   H    sing N N 90  
GLU N   H2   sing N N 91  
GLU CA  C    sing N N 92  
GLU CA  CB   sing N N 93  
GLU CA  HA   sing N N 94  
GLU C   O    doub N N 95  
GLU C   OXT  sing N N 96  
GLU CB  CG   sing N N 97  
GLU CB  HB2  sing N N 98  
GLU CB  HB3  sing N N 99  
GLU CG  CD   sing N N 100 
GLU CG  HG2  sing N N 101 
GLU CG  HG3  sing N N 102 
GLU CD  OE1  doub N N 103 
GLU CD  OE2  sing N N 104 
GLU OE2 HE2  sing N N 105 
GLU OXT HXT  sing N N 106 
GLY N   CA   sing N N 107 
GLY N   H    sing N N 108 
GLY N   H2   sing N N 109 
GLY CA  C    sing N N 110 
GLY CA  HA2  sing N N 111 
GLY CA  HA3  sing N N 112 
GLY C   O    doub N N 113 
GLY C   OXT  sing N N 114 
GLY OXT HXT  sing N N 115 
HOH O   H1   sing N N 116 
HOH O   H2   sing N N 117 
ILE N   CA   sing N N 118 
ILE N   H    sing N N 119 
ILE N   H2   sing N N 120 
ILE CA  C    sing N N 121 
ILE CA  CB   sing N N 122 
ILE CA  HA   sing N N 123 
ILE C   O    doub N N 124 
ILE C   OXT  sing N N 125 
ILE CB  CG1  sing N N 126 
ILE CB  CG2  sing N N 127 
ILE CB  HB   sing N N 128 
ILE CG1 CD1  sing N N 129 
ILE CG1 HG12 sing N N 130 
ILE CG1 HG13 sing N N 131 
ILE CG2 HG21 sing N N 132 
ILE CG2 HG22 sing N N 133 
ILE CG2 HG23 sing N N 134 
ILE CD1 HD11 sing N N 135 
ILE CD1 HD12 sing N N 136 
ILE CD1 HD13 sing N N 137 
ILE OXT HXT  sing N N 138 
LEU N   CA   sing N N 139 
LEU N   H    sing N N 140 
LEU N   H2   sing N N 141 
LEU CA  C    sing N N 142 
LEU CA  CB   sing N N 143 
LEU CA  HA   sing N N 144 
LEU C   O    doub N N 145 
LEU C   OXT  sing N N 146 
LEU CB  CG   sing N N 147 
LEU CB  HB2  sing N N 148 
LEU CB  HB3  sing N N 149 
LEU CG  CD1  sing N N 150 
LEU CG  CD2  sing N N 151 
LEU CG  HG   sing N N 152 
LEU CD1 HD11 sing N N 153 
LEU CD1 HD12 sing N N 154 
LEU CD1 HD13 sing N N 155 
LEU CD2 HD21 sing N N 156 
LEU CD2 HD22 sing N N 157 
LEU CD2 HD23 sing N N 158 
LEU OXT HXT  sing N N 159 
LYS N   CA   sing N N 160 
LYS N   H    sing N N 161 
LYS N   H2   sing N N 162 
LYS CA  C    sing N N 163 
LYS CA  CB   sing N N 164 
LYS CA  HA   sing N N 165 
LYS C   O    doub N N 166 
LYS C   OXT  sing N N 167 
LYS CB  CG   sing N N 168 
LYS CB  HB2  sing N N 169 
LYS CB  HB3  sing N N 170 
LYS CG  CD   sing N N 171 
LYS CG  HG2  sing N N 172 
LYS CG  HG3  sing N N 173 
LYS CD  CE   sing N N 174 
LYS CD  HD2  sing N N 175 
LYS CD  HD3  sing N N 176 
LYS CE  NZ   sing N N 177 
LYS CE  HE2  sing N N 178 
LYS CE  HE3  sing N N 179 
LYS NZ  HZ1  sing N N 180 
LYS NZ  HZ2  sing N N 181 
LYS NZ  HZ3  sing N N 182 
LYS OXT HXT  sing N N 183 
PHE N   CA   sing N N 184 
PHE N   H    sing N N 185 
PHE N   H2   sing N N 186 
PHE CA  C    sing N N 187 
PHE CA  CB   sing N N 188 
PHE CA  HA   sing N N 189 
PHE C   O    doub N N 190 
PHE C   OXT  sing N N 191 
PHE CB  CG   sing N N 192 
PHE CB  HB2  sing N N 193 
PHE CB  HB3  sing N N 194 
PHE CG  CD1  doub Y N 195 
PHE CG  CD2  sing Y N 196 
PHE CD1 CE1  sing Y N 197 
PHE CD1 HD1  sing N N 198 
PHE CD2 CE2  doub Y N 199 
PHE CD2 HD2  sing N N 200 
PHE CE1 CZ   doub Y N 201 
PHE CE1 HE1  sing N N 202 
PHE CE2 CZ   sing Y N 203 
PHE CE2 HE2  sing N N 204 
PHE CZ  HZ   sing N N 205 
PHE OXT HXT  sing N N 206 
SER N   CA   sing N N 207 
SER N   H    sing N N 208 
SER N   H2   sing N N 209 
SER CA  C    sing N N 210 
SER CA  CB   sing N N 211 
SER CA  HA   sing N N 212 
SER C   O    doub N N 213 
SER C   OXT  sing N N 214 
SER CB  OG   sing N N 215 
SER CB  HB2  sing N N 216 
SER CB  HB3  sing N N 217 
SER OG  HG   sing N N 218 
SER OXT HXT  sing N N 219 
THR N   CA   sing N N 220 
THR N   H    sing N N 221 
THR N   H2   sing N N 222 
THR CA  C    sing N N 223 
THR CA  CB   sing N N 224 
THR CA  HA   sing N N 225 
THR C   O    doub N N 226 
THR C   OXT  sing N N 227 
THR CB  OG1  sing N N 228 
THR CB  CG2  sing N N 229 
THR CB  HB   sing N N 230 
THR OG1 HG1  sing N N 231 
THR CG2 HG21 sing N N 232 
THR CG2 HG22 sing N N 233 
THR CG2 HG23 sing N N 234 
THR OXT HXT  sing N N 235 
VAL N   CA   sing N N 236 
VAL N   H    sing N N 237 
VAL N   H2   sing N N 238 
VAL CA  C    sing N N 239 
VAL CA  CB   sing N N 240 
VAL CA  HA   sing N N 241 
VAL C   O    doub N N 242 
VAL C   OXT  sing N N 243 
VAL CB  CG1  sing N N 244 
VAL CB  CG2  sing N N 245 
VAL CB  HB   sing N N 246 
VAL CG1 HG11 sing N N 247 
VAL CG1 HG12 sing N N 248 
VAL CG1 HG13 sing N N 249 
VAL CG2 HG21 sing N N 250 
VAL CG2 HG22 sing N N 251 
VAL CG2 HG23 sing N N 252 
VAL OXT HXT  sing N N 253 
# 
_pdbx_entity_nonpoly.entity_id   2 
_pdbx_entity_nonpoly.name        water 
_pdbx_entity_nonpoly.comp_id     HOH 
# 
_pdbx_initial_refinement_model.id               1 
_pdbx_initial_refinement_model.entity_id_list   ? 
_pdbx_initial_refinement_model.type             'experimental model' 
_pdbx_initial_refinement_model.source_name      PDB 
_pdbx_initial_refinement_model.accession_code   1ZV8 
_pdbx_initial_refinement_model.details          'PDB ENTRY 1ZV8' 
# 
